data_6V59
#
_entry.id   6V59
#
_cell.length_a   49.970
_cell.length_b   87.605
_cell.length_c   184.170
_cell.angle_alpha   90.000
_cell.angle_beta   90.000
_cell.angle_gamma   90.000
#
_symmetry.space_group_name_H-M   'P 21 21 21'
#
loop_
_entity.id
_entity.type
_entity.pdbx_description
1 polymer 'Di-haem cytochrome c peroxidase family protein'
2 non-polymer 'HEME C'
3 non-polymer GLYCEROL
4 non-polymer 'CHLORIDE ION'
5 non-polymer 'MAGNESIUM ION'
6 water water
#
_entity_poly.entity_id   1
_entity_poly.type   'polypeptide(L)'
_entity_poly.pdbx_seq_one_letter_code
;ASSGPAAPDATHSTHAARPASAASSTSPMNPTSTPGASGPAHAKAALDAARAKAAPPSPPTTVLLPGAPPERVVDTIGRG
TPQVASKVDPTAAVFRPDPTLAALGKRVFFDPALSEPRGMSCASCHDPGRAFAPTLSPAALAGPRVPQGSRPGHFSRRNA
PSLLYVRYVPRRHFYQDDDALAPAPFGGLFSDGRADTLAEQLRGPLFDPDEMNNASAAALMRKIGRTGLGAALAGRFGPS
VRRDPERMVRVLGEAMQAYLQSDEMAPFSSRYDAYVTKRAPLTPQEMRGLALFRNPDKGNCMSCHTLSDTASRPERSLFT
DFGYDAIAVPRNRALPANRDPRHFDNGLCDTAAKLRWPEPTQWCAYLRTPGLRNVAIKESFMHNGVFDTLRDAVAFMNTR
STDPARWYHGRDTFDDVPRAYRGNVNVNSTPMNRRPGTPPAMTDADVDDLVAFLRTLTDARYVGLMPTAPDGKAARP
;
_entity_poly.pdbx_strand_id   A,B
#
loop_
_chem_comp.id
_chem_comp.type
_chem_comp.name
_chem_comp.formula
CL non-polymer 'CHLORIDE ION' 'Cl -1'
GOL non-polymer GLYCEROL 'C3 H8 O3'
HEC non-polymer 'HEME C' 'C34 H34 Fe N4 O4'
MG non-polymer 'MAGNESIUM ION' 'Mg 2'
#
# COMPACT_ATOMS: atom_id res chain seq x y z
N PRO A 59 -26.18 35.16 18.61
CA PRO A 59 -26.90 36.00 17.64
C PRO A 59 -28.29 35.44 17.39
N PRO A 60 -29.24 36.29 17.00
CA PRO A 60 -30.60 35.77 16.79
C PRO A 60 -30.74 34.94 15.53
N THR A 61 -29.84 35.08 14.56
CA THR A 61 -30.02 34.45 13.25
C THR A 61 -28.67 34.09 12.64
N THR A 62 -28.73 33.21 11.65
CA THR A 62 -27.55 32.82 10.89
C THR A 62 -27.98 32.39 9.49
N VAL A 63 -27.09 32.62 8.51
CA VAL A 63 -27.34 32.23 7.12
C VAL A 63 -26.36 31.12 6.80
N LEU A 64 -26.90 29.95 6.43
CA LEU A 64 -26.09 28.74 6.31
C LEU A 64 -25.81 28.33 4.88
N LEU A 65 -26.51 28.91 3.90
CA LEU A 65 -26.25 28.72 2.48
C LEU A 65 -26.40 30.06 1.80
N PRO A 66 -25.72 30.27 0.67
CA PRO A 66 -25.84 31.56 -0.03
C PRO A 66 -27.28 31.87 -0.38
N GLY A 67 -27.69 33.11 -0.11
CA GLY A 67 -29.01 33.59 -0.46
C GLY A 67 -30.15 33.01 0.34
N ALA A 68 -29.89 32.10 1.26
CA ALA A 68 -30.96 31.43 1.97
C ALA A 68 -31.55 32.35 3.03
N PRO A 69 -32.79 32.11 3.44
CA PRO A 69 -33.36 32.89 4.54
C PRO A 69 -32.50 32.73 5.78
N PRO A 70 -32.30 33.79 6.56
CA PRO A 70 -31.70 33.62 7.88
C PRO A 70 -32.46 32.59 8.69
N GLU A 71 -31.73 31.81 9.50
CA GLU A 71 -32.30 30.79 10.36
C GLU A 71 -32.28 31.27 11.80
N ARG A 72 -33.34 30.98 12.54
CA ARG A 72 -33.39 31.31 13.96
C ARG A 72 -32.38 30.48 14.73
N VAL A 73 -31.48 31.15 15.45
CA VAL A 73 -30.49 30.48 16.29
C VAL A 73 -31.05 30.32 17.69
N VAL A 74 -31.02 29.10 18.22
CA VAL A 74 -31.51 28.84 19.57
C VAL A 74 -30.40 28.59 20.58
N ASP A 75 -29.16 28.36 20.13
CA ASP A 75 -28.03 28.12 21.02
C ASP A 75 -26.77 28.14 20.17
N THR A 76 -25.62 28.21 20.85
CA THR A 76 -24.32 28.09 20.20
C THR A 76 -23.58 26.93 20.84
N ILE A 77 -23.07 26.02 20.01
CA ILE A 77 -22.38 24.83 20.46
C ILE A 77 -20.88 25.06 20.32
N GLY A 78 -20.16 24.93 21.43
CA GLY A 78 -18.73 25.15 21.36
C GLY A 78 -18.39 26.53 20.84
N ARG A 79 -17.37 26.59 20.01
CA ARG A 79 -16.79 27.85 19.53
C ARG A 79 -17.46 28.31 18.23
N GLY A 80 -18.72 28.67 18.36
CA GLY A 80 -19.41 29.39 17.30
C GLY A 80 -20.32 28.59 16.39
N THR A 81 -20.55 27.32 16.67
CA THR A 81 -21.42 26.54 15.80
C THR A 81 -22.88 26.79 16.17
N PRO A 82 -23.70 27.34 15.27
CA PRO A 82 -25.08 27.65 15.64
C PRO A 82 -25.95 26.41 15.69
N GLN A 83 -26.82 26.35 16.70
CA GLN A 83 -27.95 25.43 16.69
C GLN A 83 -29.17 26.19 16.21
N VAL A 84 -29.84 25.69 15.18
CA VAL A 84 -30.96 26.39 14.57
C VAL A 84 -32.26 25.70 14.94
N ALA A 85 -33.36 26.44 14.77
CA ALA A 85 -34.67 25.98 15.22
C ALA A 85 -35.36 25.10 14.20
N SER A 86 -35.01 25.21 12.92
CA SER A 86 -35.69 24.49 11.86
C SER A 86 -34.66 23.91 10.89
N LYS A 87 -35.08 22.86 10.18
CA LYS A 87 -34.23 22.27 9.16
C LYS A 87 -33.87 23.30 8.10
N VAL A 88 -32.59 23.34 7.73
CA VAL A 88 -32.18 24.08 6.55
C VAL A 88 -32.78 23.43 5.32
N ASP A 89 -33.39 24.24 4.46
CA ASP A 89 -33.92 23.75 3.19
C ASP A 89 -32.93 24.11 2.10
N PRO A 90 -32.13 23.18 1.60
CA PRO A 90 -31.11 23.57 0.61
C PRO A 90 -31.70 24.20 -0.64
N THR A 91 -32.97 23.92 -0.98
CA THR A 91 -33.56 24.47 -2.19
C THR A 91 -33.90 25.95 -2.05
N ALA A 92 -33.82 26.51 -0.83
CA ALA A 92 -34.03 27.93 -0.64
C ALA A 92 -32.78 28.75 -0.93
N ALA A 93 -31.63 28.11 -1.12
CA ALA A 93 -30.43 28.85 -1.45
C ALA A 93 -30.57 29.48 -2.83
N VAL A 94 -29.89 30.61 -3.01
CA VAL A 94 -29.91 31.34 -4.27
C VAL A 94 -28.48 31.60 -4.70
N PHE A 95 -28.08 31.05 -5.83
CA PHE A 95 -26.71 31.15 -6.34
C PHE A 95 -26.69 32.11 -7.51
N ARG A 96 -25.92 33.19 -7.38
CA ARG A 96 -25.76 34.20 -8.44
C ARG A 96 -24.28 34.52 -8.66
N PRO A 97 -23.45 33.51 -8.97
CA PRO A 97 -22.03 33.80 -9.16
C PRO A 97 -21.81 34.68 -10.39
N ASP A 98 -20.88 35.62 -10.26
CA ASP A 98 -20.48 36.44 -11.39
C ASP A 98 -19.88 35.56 -12.48
N PRO A 99 -20.37 35.63 -13.73
CA PRO A 99 -19.90 34.68 -14.76
C PRO A 99 -18.40 34.71 -15.00
N THR A 100 -17.78 35.89 -15.08
CA THR A 100 -16.35 35.92 -15.31
C THR A 100 -15.56 35.46 -14.09
N LEU A 101 -16.13 35.61 -12.89
CA LEU A 101 -15.48 35.07 -11.70
C LEU A 101 -15.54 33.56 -11.71
N ALA A 102 -16.70 32.99 -12.08
CA ALA A 102 -16.82 31.55 -12.23
C ALA A 102 -15.85 31.02 -13.28
N ALA A 103 -15.70 31.75 -14.40
CA ALA A 103 -14.77 31.30 -15.43
C ALA A 103 -13.34 31.31 -14.94
N LEU A 104 -12.99 32.29 -14.10
CA LEU A 104 -11.68 32.30 -13.48
C LEU A 104 -11.51 31.12 -12.54
N GLY A 105 -12.56 30.78 -11.79
CA GLY A 105 -12.47 29.61 -10.92
C GLY A 105 -12.28 28.33 -11.71
N LYS A 106 -12.96 28.21 -12.85
CA LYS A 106 -12.76 27.04 -13.70
C LYS A 106 -11.32 26.96 -14.21
N ARG A 107 -10.75 28.10 -14.61
CA ARG A 107 -9.36 28.10 -15.02
C ARG A 107 -8.45 27.58 -13.91
N VAL A 108 -8.68 28.06 -12.68
CA VAL A 108 -7.90 27.58 -11.53
C VAL A 108 -8.07 26.08 -11.35
N PHE A 109 -9.30 25.60 -11.52
CA PHE A 109 -9.62 24.20 -11.28
C PHE A 109 -8.82 23.26 -12.17
N PHE A 110 -8.51 23.70 -13.39
CA PHE A 110 -7.84 22.85 -14.36
C PHE A 110 -6.37 23.18 -14.55
N ASP A 111 -5.82 24.09 -13.74
CA ASP A 111 -4.43 24.54 -13.93
C ASP A 111 -3.45 23.58 -13.27
N PRO A 112 -2.68 22.81 -14.05
CA PRO A 112 -1.76 21.84 -13.43
C PRO A 112 -0.53 22.46 -12.81
N ALA A 113 -0.31 23.76 -12.98
CA ALA A 113 0.84 24.39 -12.35
C ALA A 113 0.67 24.55 -10.84
N LEU A 114 -0.51 24.28 -10.30
CA LEU A 114 -0.76 24.59 -8.90
C LEU A 114 -0.26 23.51 -7.95
N SER A 115 0.33 22.44 -8.44
CA SER A 115 0.84 21.37 -7.61
C SER A 115 2.37 21.40 -7.58
N GLU A 116 2.94 20.64 -6.65
CA GLU A 116 4.39 20.45 -6.56
C GLU A 116 4.64 18.95 -6.41
N PRO A 117 5.34 18.30 -7.37
CA PRO A 117 5.79 18.86 -8.64
C PRO A 117 4.61 19.27 -9.48
N ARG A 118 4.84 20.12 -10.46
CA ARG A 118 3.76 20.56 -11.34
C ARG A 118 3.23 19.39 -12.15
N GLY A 119 1.94 19.47 -12.47
CA GLY A 119 1.32 18.51 -13.34
C GLY A 119 -0.02 18.01 -12.84
N MET A 120 -0.40 18.40 -11.62
CA MET A 120 -1.64 17.96 -10.99
C MET A 120 -2.53 19.19 -10.77
N SER A 121 -3.75 19.12 -11.29
CA SER A 121 -4.77 20.13 -11.06
C SER A 121 -5.85 19.55 -10.17
N CYS A 122 -6.81 20.41 -9.77
CA CYS A 122 -7.99 19.89 -9.08
C CYS A 122 -8.62 18.75 -9.86
N ALA A 123 -8.69 18.88 -11.18
CA ALA A 123 -9.34 17.88 -12.01
C ALA A 123 -8.62 16.53 -11.97
N SER A 124 -7.37 16.49 -11.53
CA SER A 124 -6.66 15.23 -11.38
C SER A 124 -7.31 14.30 -10.37
N CYS A 125 -8.13 14.84 -9.48
CA CYS A 125 -8.89 14.05 -8.52
C CYS A 125 -10.39 14.23 -8.65
N HIS A 126 -10.83 15.08 -9.59
CA HIS A 126 -12.23 15.47 -9.77
C HIS A 126 -12.43 15.58 -11.29
N ASP A 127 -12.60 14.44 -11.92
CA ASP A 127 -12.61 14.33 -13.38
C ASP A 127 -13.92 14.85 -13.94
N PRO A 128 -13.91 15.89 -14.80
CA PRO A 128 -15.18 16.35 -15.38
C PRO A 128 -15.88 15.28 -16.19
N GLY A 129 -15.15 14.30 -16.69
CA GLY A 129 -15.75 13.20 -17.40
C GLY A 129 -16.38 12.15 -16.53
N ARG A 130 -16.29 12.30 -15.21
CA ARG A 130 -16.85 11.36 -14.24
C ARG A 130 -17.54 12.14 -13.12
N ALA A 131 -18.35 13.13 -13.49
CA ALA A 131 -19.13 13.93 -12.55
C ALA A 131 -18.23 14.60 -11.50
N PHE A 132 -17.00 14.93 -11.87
CA PHE A 132 -16.05 15.57 -10.97
C PHE A 132 -15.76 14.73 -9.74
N ALA A 133 -15.88 13.43 -9.89
CA ALA A 133 -15.32 12.42 -9.01
C ALA A 133 -14.02 11.91 -9.59
N PRO A 134 -13.15 11.30 -8.78
CA PRO A 134 -11.85 10.89 -9.30
C PRO A 134 -11.93 9.75 -10.30
N THR A 135 -11.12 9.85 -11.35
CA THR A 135 -10.70 8.69 -12.12
C THR A 135 -9.33 8.34 -11.56
N LEU A 136 -9.25 7.17 -10.94
CA LEU A 136 -8.05 6.76 -10.24
C LEU A 136 -6.93 6.41 -11.21
N SER A 137 -5.71 6.81 -10.86
CA SER A 137 -4.54 6.36 -11.60
C SER A 137 -4.45 4.84 -11.52
N PRO A 138 -3.76 4.21 -12.46
CA PRO A 138 -3.58 2.75 -12.36
C PRO A 138 -3.02 2.32 -11.01
N ALA A 139 -2.06 3.08 -10.47
CA ALA A 139 -1.49 2.73 -9.18
C ALA A 139 -2.52 2.87 -8.07
N ALA A 140 -3.35 3.92 -8.10
CA ALA A 140 -4.38 4.08 -7.08
C ALA A 140 -5.40 2.97 -7.18
N LEU A 141 -5.81 2.63 -8.40
CA LEU A 141 -6.79 1.56 -8.58
C LEU A 141 -6.27 0.24 -8.02
N ALA A 142 -4.97 -0.04 -8.21
CA ALA A 142 -4.42 -1.29 -7.72
C ALA A 142 -4.10 -1.26 -6.24
N GLY A 143 -4.02 -0.07 -5.66
CA GLY A 143 -3.61 0.12 -4.28
C GLY A 143 -4.76 0.55 -3.40
N PRO A 144 -4.68 1.78 -2.85
CA PRO A 144 -5.65 2.17 -1.81
C PRO A 144 -7.02 2.54 -2.33
N ARG A 145 -7.21 2.69 -3.64
CA ARG A 145 -8.51 3.03 -4.20
C ARG A 145 -8.99 4.40 -3.72
N VAL A 146 -8.03 5.30 -3.46
CA VAL A 146 -8.32 6.73 -3.28
C VAL A 146 -7.33 7.47 -4.17
N PRO A 147 -7.54 8.75 -4.44
CA PRO A 147 -6.72 9.44 -5.44
C PRO A 147 -5.25 9.45 -5.09
N GLN A 148 -4.42 9.31 -6.12
CA GLN A 148 -3.00 9.56 -5.99
C GLN A 148 -2.75 11.07 -5.98
N GLY A 149 -1.82 11.49 -5.11
CA GLY A 149 -1.37 12.87 -5.07
C GLY A 149 -0.30 13.17 -6.11
N SER A 150 0.45 14.24 -5.84
CA SER A 150 1.32 14.83 -6.84
C SER A 150 2.60 14.03 -7.07
N ARG A 151 2.87 13.04 -6.21
CA ARG A 151 4.09 12.26 -6.29
C ARG A 151 3.78 10.78 -6.23
N PRO A 152 4.61 9.94 -6.86
CA PRO A 152 4.40 8.49 -6.76
C PRO A 152 4.36 8.02 -5.32
N GLY A 153 3.45 7.11 -5.05
CA GLY A 153 3.33 6.54 -3.71
C GLY A 153 2.69 7.43 -2.68
N HIS A 154 2.22 8.61 -3.06
CA HIS A 154 1.49 9.50 -2.16
C HIS A 154 0.02 9.51 -2.56
N PHE A 155 -0.86 9.44 -1.56
CA PHE A 155 -2.28 9.31 -1.80
C PHE A 155 -3.05 10.20 -0.82
N SER A 156 -4.24 10.62 -1.26
CA SER A 156 -5.18 11.26 -0.36
C SER A 156 -5.43 10.37 0.86
N ARG A 157 -5.83 11.00 1.96
CA ARG A 157 -6.16 10.25 3.18
C ARG A 157 -7.56 9.65 3.13
N ARG A 158 -8.40 10.16 2.23
CA ARG A 158 -9.77 9.69 2.04
C ARG A 158 -10.05 9.62 0.56
N ASN A 159 -11.16 8.96 0.21
CA ASN A 159 -11.67 8.99 -1.15
C ASN A 159 -12.23 10.39 -1.45
N ALA A 160 -12.17 10.79 -2.71
CA ALA A 160 -12.69 12.09 -3.13
C ALA A 160 -14.10 11.93 -3.68
N PRO A 161 -15.02 12.81 -3.31
CA PRO A 161 -16.39 12.73 -3.84
C PRO A 161 -16.53 13.48 -5.16
N SER A 162 -17.64 13.21 -5.82
CA SER A 162 -18.14 14.10 -6.86
C SER A 162 -18.34 15.49 -6.29
N LEU A 163 -17.95 16.50 -7.08
CA LEU A 163 -18.22 17.88 -6.71
C LEU A 163 -19.49 18.43 -7.33
N LEU A 164 -20.13 17.69 -8.23
CA LEU A 164 -21.47 18.12 -8.62
C LEU A 164 -22.34 18.17 -7.36
N TYR A 165 -23.19 19.19 -7.29
CA TYR A 165 -24.13 19.43 -6.19
C TYR A 165 -23.45 19.84 -4.90
N VAL A 166 -22.13 20.10 -4.92
CA VAL A 166 -21.43 20.48 -3.71
C VAL A 166 -21.91 21.84 -3.20
N ARG A 167 -22.51 22.67 -4.06
CA ARG A 167 -22.94 23.98 -3.61
C ARG A 167 -24.04 23.90 -2.56
N TYR A 168 -24.70 22.75 -2.43
CA TYR A 168 -25.79 22.62 -1.46
C TYR A 168 -25.32 22.22 -0.07
N VAL A 169 -24.04 21.92 0.12
CA VAL A 169 -23.55 21.57 1.46
C VAL A 169 -23.59 22.82 2.33
N PRO A 170 -24.38 22.83 3.40
CA PRO A 170 -24.48 24.04 4.23
C PRO A 170 -23.31 24.18 5.18
N ARG A 171 -23.21 25.39 5.75
CA ARG A 171 -22.29 25.61 6.86
C ARG A 171 -22.65 24.68 8.04
N ARG A 172 -21.66 24.43 8.88
CA ARG A 172 -21.88 23.58 10.06
C ARG A 172 -22.94 24.19 10.95
N HIS A 173 -23.86 23.34 11.42
CA HIS A 173 -24.87 23.77 12.37
C HIS A 173 -25.39 22.52 13.10
N PHE A 174 -26.10 22.77 14.19
CA PHE A 174 -26.79 21.72 14.94
C PHE A 174 -28.29 21.94 14.79
N TYR A 175 -29.05 20.84 14.87
CA TYR A 175 -30.50 20.88 14.81
C TYR A 175 -31.06 19.69 15.57
N GLN A 176 -32.06 19.93 16.41
CA GLN A 176 -32.69 18.88 17.21
C GLN A 176 -34.11 18.69 16.69
N ASP A 177 -34.33 17.55 16.04
CA ASP A 177 -35.66 17.22 15.53
C ASP A 177 -36.62 16.97 16.70
N ASP A 178 -37.92 16.95 16.38
CA ASP A 178 -38.90 16.77 17.43
C ASP A 178 -38.72 15.44 18.15
N ASP A 179 -38.28 14.40 17.44
CA ASP A 179 -38.11 13.07 18.01
C ASP A 179 -36.66 12.80 18.38
N ALA A 180 -35.94 13.80 18.90
CA ALA A 180 -34.53 13.65 19.25
C ALA A 180 -34.28 14.16 20.66
N LEU A 181 -33.44 13.45 21.40
CA LEU A 181 -33.09 13.87 22.75
C LEU A 181 -31.99 14.92 22.76
N ALA A 182 -31.16 14.99 21.73
CA ALA A 182 -30.07 15.94 21.67
C ALA A 182 -29.95 16.49 20.26
N PRO A 183 -29.34 17.66 20.11
CA PRO A 183 -29.11 18.19 18.76
C PRO A 183 -28.12 17.31 18.00
N ALA A 184 -28.27 17.31 16.68
CA ALA A 184 -27.40 16.57 15.78
C ALA A 184 -26.64 17.53 14.88
N PRO A 185 -25.42 17.18 14.47
CA PRO A 185 -24.63 18.06 13.61
C PRO A 185 -24.97 17.88 12.14
N PHE A 186 -24.84 18.98 11.40
CA PHE A 186 -25.08 18.99 9.97
C PHE A 186 -24.09 19.95 9.31
N GLY A 187 -23.79 19.68 8.05
CA GLY A 187 -23.05 20.64 7.24
C GLY A 187 -21.56 20.54 7.45
N GLY A 188 -20.87 21.47 6.80
CA GLY A 188 -19.43 21.45 6.77
C GLY A 188 -18.93 20.68 5.57
N LEU A 189 -17.89 21.20 4.92
CA LEU A 189 -17.24 20.52 3.81
C LEU A 189 -16.15 19.59 4.33
N PHE A 190 -15.81 18.60 3.48
CA PHE A 190 -15.05 17.40 3.85
C PHE A 190 -15.91 16.45 4.69
N SER A 191 -15.52 15.18 4.72
CA SER A 191 -16.33 14.17 5.42
C SER A 191 -16.34 14.38 6.93
N ASP A 192 -15.43 15.20 7.45
CA ASP A 192 -15.41 15.53 8.87
C ASP A 192 -15.85 16.97 9.12
N GLY A 193 -16.36 17.64 8.10
CA GLY A 193 -16.92 18.98 8.25
C GLY A 193 -15.94 20.04 8.65
N ARG A 194 -14.63 19.84 8.44
CA ARG A 194 -13.65 20.74 9.00
C ARG A 194 -13.53 22.07 8.27
N ALA A 195 -14.15 22.22 7.10
CA ALA A 195 -14.20 23.48 6.38
C ALA A 195 -15.64 23.99 6.34
N ASP A 196 -15.83 25.26 6.71
CA ASP A 196 -17.21 25.77 6.79
C ASP A 196 -17.73 26.27 5.45
N THR A 197 -16.84 26.67 4.53
CA THR A 197 -17.23 27.22 3.24
C THR A 197 -16.30 26.69 2.15
N LEU A 198 -16.73 26.85 0.90
CA LEU A 198 -15.93 26.40 -0.23
C LEU A 198 -14.63 27.18 -0.34
N ALA A 199 -14.66 28.47 0.01
CA ALA A 199 -13.41 29.23 0.03
C ALA A 199 -12.43 28.65 1.04
N GLU A 200 -12.90 28.29 2.24
CA GLU A 200 -12.01 27.69 3.23
C GLU A 200 -11.51 26.32 2.80
N GLN A 201 -12.34 25.55 2.08
CA GLN A 201 -11.96 24.20 1.68
C GLN A 201 -10.68 24.20 0.85
N LEU A 202 -10.47 25.25 0.06
CA LEU A 202 -9.40 25.27 -0.94
C LEU A 202 -8.03 25.10 -0.30
N ARG A 203 -7.86 25.52 0.95
CA ARG A 203 -6.56 25.41 1.61
C ARG A 203 -6.15 23.94 1.82
N GLY A 204 -7.10 23.03 1.85
CA GLY A 204 -6.79 21.64 2.10
C GLY A 204 -5.88 21.06 1.04
N PRO A 205 -6.40 20.84 -0.16
CA PRO A 205 -5.59 20.18 -1.19
C PRO A 205 -4.36 20.97 -1.62
N LEU A 206 -4.43 22.30 -1.59
CA LEU A 206 -3.31 23.10 -2.09
C LEU A 206 -2.05 22.89 -1.27
N PHE A 207 -2.18 22.72 0.04
CA PHE A 207 -1.04 22.72 0.94
C PHE A 207 -0.83 21.37 1.63
N ASP A 208 -1.57 20.35 1.23
CA ASP A 208 -1.40 19.00 1.76
C ASP A 208 -0.24 18.31 1.07
N PRO A 209 0.78 17.85 1.81
CA PRO A 209 1.92 17.21 1.14
C PRO A 209 1.56 15.94 0.37
N ASP A 210 0.46 15.29 0.71
CA ASP A 210 0.05 14.08 0.01
C ASP A 210 -0.88 14.36 -1.16
N GLU A 211 -1.30 15.62 -1.35
CA GLU A 211 -2.16 16.00 -2.48
C GLU A 211 -1.38 16.97 -3.38
N MET A 212 -1.69 18.26 -3.37
CA MET A 212 -1.02 19.17 -4.30
C MET A 212 0.32 19.68 -3.80
N ASN A 213 0.56 19.68 -2.48
CA ASN A 213 1.91 19.73 -1.91
C ASN A 213 2.63 21.06 -2.12
N ASN A 214 1.90 22.18 -2.13
CA ASN A 214 2.60 23.47 -2.09
C ASN A 214 3.14 23.71 -0.69
N ALA A 215 4.34 24.28 -0.63
CA ALA A 215 5.03 24.41 0.65
C ALA A 215 4.38 25.46 1.54
N SER A 216 3.91 26.56 0.95
CA SER A 216 3.36 27.67 1.71
C SER A 216 2.51 28.51 0.78
N ALA A 217 1.72 29.41 1.36
CA ALA A 217 0.97 30.36 0.55
C ALA A 217 1.91 31.30 -0.20
N ALA A 218 3.00 31.71 0.46
CA ALA A 218 3.98 32.57 -0.20
C ALA A 218 4.56 31.91 -1.44
N ALA A 219 4.99 30.65 -1.32
CA ALA A 219 5.57 29.96 -2.46
C ALA A 219 4.55 29.82 -3.60
N LEU A 220 3.32 29.44 -3.26
CA LEU A 220 2.27 29.33 -4.28
C LEU A 220 2.02 30.68 -4.94
N MET A 221 1.97 31.75 -4.14
CA MET A 221 1.78 33.08 -4.69
C MET A 221 2.88 33.45 -5.67
N ARG A 222 4.14 33.21 -5.27
CA ARG A 222 5.26 33.48 -6.17
C ARG A 222 5.12 32.70 -7.47
N LYS A 223 4.76 31.41 -7.37
CA LYS A 223 4.65 30.58 -8.56
C LYS A 223 3.53 31.09 -9.48
N ILE A 224 2.35 31.34 -8.91
CA ILE A 224 1.23 31.84 -9.70
C ILE A 224 1.57 33.21 -10.27
N GLY A 225 2.13 34.08 -9.44
CA GLY A 225 2.39 35.44 -9.88
C GLY A 225 3.18 35.50 -11.17
N ARG A 226 4.03 34.52 -11.41
CA ARG A 226 4.88 34.48 -12.59
C ARG A 226 4.17 33.98 -13.84
N THR A 227 2.93 33.52 -13.73
CA THR A 227 2.23 32.93 -14.86
C THR A 227 1.11 33.84 -15.32
N GLY A 228 0.50 33.47 -16.44
CA GLY A 228 -0.64 34.21 -16.93
C GLY A 228 -1.79 34.25 -15.94
N LEU A 229 -1.90 33.21 -15.10
CA LEU A 229 -2.95 33.21 -14.09
C LEU A 229 -2.73 34.35 -13.10
N GLY A 230 -1.48 34.57 -12.70
CA GLY A 230 -1.18 35.70 -11.82
C GLY A 230 -1.57 37.02 -12.45
N ALA A 231 -1.28 37.18 -13.74
CA ALA A 231 -1.66 38.40 -14.44
C ALA A 231 -3.18 38.57 -14.49
N ALA A 232 -3.90 37.47 -14.73
CA ALA A 232 -5.35 37.53 -14.77
C ALA A 232 -5.93 37.87 -13.40
N LEU A 233 -5.38 37.26 -12.34
CA LEU A 233 -5.84 37.58 -11.00
C LEU A 233 -5.58 39.03 -10.64
N ALA A 234 -4.38 39.53 -10.99
CA ALA A 234 -4.07 40.93 -10.75
C ALA A 234 -4.94 41.85 -11.60
N GLY A 235 -5.26 41.42 -12.82
CA GLY A 235 -6.13 42.22 -13.67
C GLY A 235 -7.49 42.46 -13.03
N ARG A 236 -8.06 41.43 -12.42
CA ARG A 236 -9.37 41.58 -11.81
C ARG A 236 -9.30 42.17 -10.41
N PHE A 237 -8.32 41.73 -9.60
CA PHE A 237 -8.33 42.03 -8.18
C PHE A 237 -7.34 43.11 -7.78
N GLY A 238 -6.40 43.47 -8.65
CA GLY A 238 -5.43 44.48 -8.34
C GLY A 238 -4.08 43.88 -8.00
N PRO A 239 -3.04 44.72 -7.98
CA PRO A 239 -1.66 44.18 -7.90
C PRO A 239 -1.32 43.52 -6.58
N SER A 240 -2.05 43.79 -5.50
CA SER A 240 -1.65 43.25 -4.20
C SER A 240 -1.82 41.74 -4.12
N VAL A 241 -2.57 41.12 -5.03
CA VAL A 241 -2.67 39.65 -5.01
C VAL A 241 -1.32 39.02 -5.27
N ARG A 242 -0.42 39.72 -5.94
CA ARG A 242 0.91 39.19 -6.20
C ARG A 242 1.89 39.47 -5.06
N ARG A 243 1.50 40.27 -4.07
CA ARG A 243 2.35 40.60 -2.94
C ARG A 243 1.87 40.00 -1.62
N ASP A 244 0.57 39.82 -1.44
CA ASP A 244 -0.02 39.40 -0.18
C ASP A 244 -0.48 37.95 -0.28
N PRO A 245 0.26 36.98 0.26
CA PRO A 245 -0.16 35.57 0.12
C PRO A 245 -1.54 35.28 0.69
N GLU A 246 -1.92 35.95 1.78
CA GLU A 246 -3.26 35.75 2.32
C GLU A 246 -4.33 36.18 1.34
N ARG A 247 -4.13 37.30 0.65
CA ARG A 247 -5.13 37.72 -0.32
C ARG A 247 -5.15 36.77 -1.52
N MET A 248 -3.99 36.30 -1.96
CA MET A 248 -3.96 35.34 -3.06
C MET A 248 -4.84 34.14 -2.75
N VAL A 249 -4.63 33.52 -1.57
CA VAL A 249 -5.41 32.35 -1.22
C VAL A 249 -6.90 32.71 -1.13
N ARG A 250 -7.20 33.89 -0.59
CA ARG A 250 -8.60 34.24 -0.41
C ARG A 250 -9.29 34.45 -1.76
N VAL A 251 -8.63 35.09 -2.72
CA VAL A 251 -9.31 35.35 -3.98
C VAL A 251 -9.38 34.08 -4.83
N LEU A 252 -8.39 33.19 -4.71
CA LEU A 252 -8.54 31.88 -5.33
C LEU A 252 -9.78 31.18 -4.78
N GLY A 253 -10.02 31.31 -3.48
CA GLY A 253 -11.22 30.72 -2.90
C GLY A 253 -12.50 31.38 -3.41
N GLU A 254 -12.48 32.69 -3.58
CA GLU A 254 -13.67 33.38 -4.09
C GLU A 254 -13.98 32.93 -5.51
N ALA A 255 -12.94 32.79 -6.34
CA ALA A 255 -13.14 32.35 -7.71
C ALA A 255 -13.62 30.92 -7.76
N MET A 256 -13.01 30.04 -6.96
CA MET A 256 -13.42 28.64 -6.94
C MET A 256 -14.85 28.50 -6.45
N GLN A 257 -15.21 29.26 -5.41
CA GLN A 257 -16.58 29.22 -4.91
C GLN A 257 -17.57 29.61 -5.99
N ALA A 258 -17.25 30.63 -6.78
CA ALA A 258 -18.13 31.04 -7.86
C ALA A 258 -18.30 29.93 -8.89
N TYR A 259 -17.20 29.26 -9.25
CA TYR A 259 -17.30 28.14 -10.19
C TYR A 259 -18.18 27.03 -9.63
N LEU A 260 -17.89 26.59 -8.41
CA LEU A 260 -18.59 25.44 -7.85
C LEU A 260 -20.03 25.77 -7.49
N GLN A 261 -20.39 27.05 -7.38
CA GLN A 261 -21.77 27.43 -7.13
C GLN A 261 -22.55 27.67 -8.42
N SER A 262 -21.90 27.56 -9.58
CA SER A 262 -22.58 27.82 -10.84
C SER A 262 -23.51 26.66 -11.22
N ASP A 263 -24.54 26.98 -12.02
CA ASP A 263 -25.54 25.98 -12.38
C ASP A 263 -24.93 24.81 -13.14
N GLU A 264 -23.84 25.06 -13.87
CA GLU A 264 -23.08 24.01 -14.54
C GLU A 264 -22.74 22.87 -13.59
N MET A 265 -22.56 23.17 -12.30
CA MET A 265 -22.11 22.18 -11.34
C MET A 265 -23.26 21.60 -10.53
N ALA A 266 -24.50 21.76 -11.01
CA ALA A 266 -25.68 21.12 -10.43
C ALA A 266 -26.69 20.86 -11.54
N PRO A 267 -26.42 19.88 -12.43
CA PRO A 267 -27.20 19.80 -13.68
C PRO A 267 -28.59 19.19 -13.57
N PHE A 268 -28.82 18.26 -12.63
CA PHE A 268 -30.13 17.63 -12.45
C PHE A 268 -30.66 17.08 -13.78
N SER A 269 -29.86 16.22 -14.42
CA SER A 269 -30.15 15.70 -15.76
C SER A 269 -30.30 14.18 -15.78
N SER A 270 -30.52 13.56 -14.63
CA SER A 270 -30.63 12.11 -14.54
C SER A 270 -32.03 11.63 -14.92
N ARG A 271 -32.14 10.31 -15.14
CA ARG A 271 -33.46 9.74 -15.40
C ARG A 271 -34.36 9.86 -14.19
N TYR A 272 -33.81 9.80 -12.97
CA TYR A 272 -34.61 10.09 -11.78
C TYR A 272 -35.18 11.51 -11.86
N ASP A 273 -34.36 12.47 -12.31
CA ASP A 273 -34.83 13.84 -12.40
C ASP A 273 -35.96 13.96 -13.42
N ALA A 274 -35.88 13.22 -14.52
CA ALA A 274 -36.99 13.21 -15.46
C ALA A 274 -38.23 12.58 -14.85
N TYR A 275 -38.05 11.60 -13.97
CA TYR A 275 -39.19 11.03 -13.25
C TYR A 275 -39.82 12.07 -12.34
N VAL A 276 -38.99 12.88 -11.68
CA VAL A 276 -39.50 13.91 -10.78
C VAL A 276 -40.20 15.01 -11.54
N THR A 277 -39.60 15.50 -12.63
CA THR A 277 -40.14 16.71 -13.27
C THR A 277 -41.28 16.40 -14.23
N LYS A 278 -41.22 15.27 -14.93
CA LYS A 278 -42.20 14.95 -15.95
C LYS A 278 -42.86 13.59 -15.76
N ARG A 279 -42.51 12.86 -14.69
CA ARG A 279 -42.97 11.49 -14.49
C ARG A 279 -42.65 10.62 -15.70
N ALA A 280 -41.50 10.88 -16.31
CA ALA A 280 -40.98 9.97 -17.32
C ALA A 280 -40.71 8.62 -16.65
N PRO A 281 -41.24 7.52 -17.18
CA PRO A 281 -41.25 6.27 -16.41
C PRO A 281 -39.87 5.67 -16.24
N LEU A 282 -39.66 5.07 -15.08
CA LEU A 282 -38.54 4.19 -14.80
C LEU A 282 -38.97 2.75 -15.01
N THR A 283 -38.01 1.83 -14.96
CA THR A 283 -38.33 0.42 -15.14
C THR A 283 -39.01 -0.14 -13.89
N PRO A 284 -39.78 -1.22 -14.03
CA PRO A 284 -40.35 -1.85 -12.83
C PRO A 284 -39.30 -2.21 -11.79
N GLN A 285 -38.13 -2.71 -12.21
CA GLN A 285 -37.07 -2.97 -11.23
C GLN A 285 -36.62 -1.70 -10.53
N GLU A 286 -36.41 -0.63 -11.30
CA GLU A 286 -35.96 0.63 -10.70
C GLU A 286 -37.00 1.14 -9.71
N MET A 287 -38.29 0.96 -10.01
CA MET A 287 -39.33 1.36 -9.06
C MET A 287 -39.34 0.46 -7.84
N ARG A 288 -39.06 -0.84 -7.99
CA ARG A 288 -38.90 -1.68 -6.82
C ARG A 288 -37.77 -1.15 -5.92
N GLY A 289 -36.66 -0.74 -6.54
CA GLY A 289 -35.56 -0.19 -5.77
C GLY A 289 -35.91 1.14 -5.10
N LEU A 290 -36.66 1.99 -5.79
CA LEU A 290 -37.13 3.23 -5.17
C LEU A 290 -37.98 2.92 -3.95
N ALA A 291 -38.87 1.94 -4.07
CA ALA A 291 -39.73 1.57 -2.95
C ALA A 291 -38.90 1.07 -1.77
N LEU A 292 -37.93 0.18 -2.04
CA LEU A 292 -37.09 -0.30 -0.95
C LEU A 292 -36.32 0.84 -0.31
N PHE A 293 -35.88 1.80 -1.12
CA PHE A 293 -35.06 2.90 -0.65
C PHE A 293 -35.81 3.76 0.36
N ARG A 294 -37.12 3.91 0.19
CA ARG A 294 -37.92 4.74 1.09
C ARG A 294 -38.78 3.90 2.03
N ASN A 295 -38.52 2.59 2.13
CA ASN A 295 -39.25 1.73 3.06
C ASN A 295 -38.51 1.69 4.39
N PRO A 296 -39.08 2.21 5.47
CA PRO A 296 -38.36 2.22 6.76
C PRO A 296 -38.00 0.85 7.28
N ASP A 297 -38.68 -0.21 6.81
CA ASP A 297 -38.49 -1.55 7.33
C ASP A 297 -37.63 -2.42 6.42
N LYS A 298 -37.21 -1.91 5.26
CA LYS A 298 -36.29 -2.67 4.41
C LYS A 298 -35.01 -1.88 4.22
N GLY A 299 -34.97 -0.99 3.23
CA GLY A 299 -33.76 -0.21 2.99
C GLY A 299 -33.57 0.91 3.99
N ASN A 300 -34.65 1.64 4.28
CA ASN A 300 -34.62 2.78 5.19
C ASN A 300 -33.58 3.81 4.77
N CYS A 301 -33.17 3.77 3.50
CA CYS A 301 -32.09 4.64 3.05
C CYS A 301 -32.49 6.10 3.10
N MET A 302 -33.77 6.39 2.87
CA MET A 302 -34.26 7.76 2.81
C MET A 302 -34.13 8.47 4.15
N SER A 303 -33.97 7.73 5.25
CA SER A 303 -33.87 8.36 6.56
C SER A 303 -32.58 9.15 6.70
N CYS A 304 -31.56 8.85 5.90
CA CYS A 304 -30.33 9.60 5.88
C CYS A 304 -30.04 10.20 4.52
N HIS A 305 -30.34 9.47 3.44
CA HIS A 305 -30.18 9.95 2.07
C HIS A 305 -31.53 10.51 1.58
N THR A 306 -31.79 11.75 1.98
CA THR A 306 -33.08 12.39 1.79
C THR A 306 -33.50 12.47 0.33
N LEU A 307 -34.76 12.13 0.07
CA LEU A 307 -35.36 12.42 -1.23
C LEU A 307 -36.82 12.81 -1.06
N SER A 308 -37.36 13.43 -2.11
CA SER A 308 -38.79 13.73 -2.20
C SER A 308 -39.23 13.25 -3.58
N ASP A 309 -39.64 11.98 -3.67
CA ASP A 309 -40.05 11.44 -4.96
C ASP A 309 -41.46 11.89 -5.38
N THR A 310 -42.18 12.59 -4.51
CA THR A 310 -43.47 13.19 -4.87
C THR A 310 -43.37 14.68 -5.18
N ALA A 311 -42.25 15.33 -4.86
CA ALA A 311 -42.04 16.71 -5.30
C ALA A 311 -42.00 16.76 -6.83
N SER A 312 -41.96 17.99 -7.35
CA SER A 312 -41.74 18.22 -8.77
C SER A 312 -40.41 18.91 -9.06
N ARG A 313 -39.69 19.31 -8.01
CA ARG A 313 -38.41 19.98 -8.17
C ARG A 313 -37.29 19.00 -7.87
N PRO A 314 -36.40 18.76 -8.83
CA PRO A 314 -35.30 17.80 -8.55
C PRO A 314 -34.46 18.18 -7.35
N GLU A 315 -34.28 19.47 -7.10
CA GLU A 315 -33.38 19.85 -6.01
C GLU A 315 -33.91 19.46 -4.64
N ARG A 316 -35.17 19.03 -4.53
CA ARG A 316 -35.65 18.48 -3.27
C ARG A 316 -35.16 17.06 -3.04
N SER A 317 -34.41 16.48 -3.97
CA SER A 317 -33.82 15.16 -3.85
C SER A 317 -32.30 15.24 -4.01
N LEU A 318 -31.61 15.53 -2.91
CA LEU A 318 -30.14 15.58 -2.93
C LEU A 318 -29.53 14.30 -2.37
N PHE A 319 -30.37 13.39 -1.86
CA PHE A 319 -29.94 12.07 -1.40
C PHE A 319 -28.93 12.16 -0.27
N THR A 320 -29.09 13.21 0.54
CA THR A 320 -28.44 13.35 1.83
C THR A 320 -29.12 14.48 2.58
N ASP A 321 -29.14 14.37 3.91
CA ASP A 321 -29.54 15.49 4.74
C ASP A 321 -28.35 16.30 5.25
N PHE A 322 -27.15 15.99 4.75
CA PHE A 322 -25.90 16.61 5.16
C PHE A 322 -25.63 16.43 6.64
N GLY A 323 -26.25 15.41 7.23
CA GLY A 323 -25.96 15.02 8.60
C GLY A 323 -24.81 14.03 8.65
N TYR A 324 -24.62 13.47 9.85
CA TYR A 324 -23.48 12.64 10.18
C TYR A 324 -23.95 11.37 10.85
N ASP A 325 -23.32 10.24 10.52
CA ASP A 325 -23.56 9.04 11.29
C ASP A 325 -22.32 8.14 11.19
N ALA A 326 -22.34 7.07 11.98
CA ALA A 326 -21.22 6.18 12.14
C ALA A 326 -21.67 4.78 11.76
N ILE A 327 -21.35 4.36 10.53
CA ILE A 327 -21.77 3.04 10.05
C ILE A 327 -20.61 2.03 10.05
N ALA A 328 -19.38 2.47 10.29
CA ALA A 328 -18.23 1.61 10.59
C ALA A 328 -17.83 0.73 9.41
N VAL A 329 -17.60 1.33 8.24
CA VAL A 329 -17.23 0.53 7.09
C VAL A 329 -15.87 -0.11 7.35
N PRO A 330 -15.55 -1.22 6.68
CA PRO A 330 -14.31 -1.93 6.99
C PRO A 330 -13.06 -1.11 6.72
N ARG A 331 -12.03 -1.40 7.51
CA ARG A 331 -10.74 -0.73 7.36
C ARG A 331 -10.15 -1.01 6.00
N ASN A 332 -9.55 0.02 5.41
CA ASN A 332 -8.78 -0.13 4.16
C ASN A 332 -7.30 -0.07 4.54
N ARG A 333 -6.68 -1.25 4.67
CA ARG A 333 -5.30 -1.30 5.13
C ARG A 333 -4.30 -0.87 4.07
N ALA A 334 -4.74 -0.70 2.83
CA ALA A 334 -3.88 -0.16 1.79
C ALA A 334 -3.66 1.34 1.91
N LEU A 335 -4.39 2.02 2.79
CA LEU A 335 -4.16 3.45 2.97
C LEU A 335 -2.87 3.66 3.76
N PRO A 336 -1.97 4.52 3.30
CA PRO A 336 -0.69 4.69 4.02
C PRO A 336 -0.83 4.95 5.51
N ALA A 337 -1.79 5.79 5.92
CA ALA A 337 -1.90 6.11 7.33
C ALA A 337 -2.21 4.88 8.17
N ASN A 338 -2.88 3.89 7.59
CA ASN A 338 -3.28 2.71 8.34
C ASN A 338 -2.18 1.68 8.46
N ARG A 339 -0.97 1.99 7.95
CA ARG A 339 0.19 1.16 8.22
C ARG A 339 0.53 1.14 9.71
N ASP A 340 0.06 2.12 10.47
CA ASP A 340 0.12 2.07 11.92
C ASP A 340 -1.20 1.47 12.38
N PRO A 341 -1.21 0.27 12.97
CA PRO A 341 -2.48 -0.34 13.37
C PRO A 341 -3.18 0.39 14.49
N ARG A 342 -2.50 1.34 15.15
CA ARG A 342 -3.12 2.19 16.16
C ARG A 342 -3.76 3.43 15.57
N HIS A 343 -3.53 3.71 14.29
CA HIS A 343 -4.13 4.86 13.65
C HIS A 343 -5.53 4.53 13.13
N PHE A 344 -6.50 5.38 13.44
CA PHE A 344 -7.83 5.31 12.88
C PHE A 344 -8.23 6.69 12.42
N ASP A 345 -8.82 6.78 11.23
CA ASP A 345 -9.49 8.00 10.81
C ASP A 345 -10.84 8.05 11.49
N ASN A 346 -10.97 8.91 12.51
CA ASN A 346 -12.14 8.95 13.37
C ASN A 346 -13.17 9.98 12.95
N GLY A 347 -12.94 10.69 11.85
CA GLY A 347 -13.97 11.55 11.29
C GLY A 347 -14.27 12.77 12.14
N LEU A 348 -15.56 12.98 12.40
CA LEU A 348 -16.05 14.27 12.90
C LEU A 348 -15.44 14.67 14.23
N CYS A 349 -15.06 13.73 15.09
CA CYS A 349 -14.61 14.15 16.41
C CYS A 349 -13.35 15.02 16.37
N ASP A 350 -12.53 14.91 15.33
CA ASP A 350 -11.37 15.79 15.25
C ASP A 350 -11.81 17.23 15.06
N THR A 351 -12.86 17.45 14.28
CA THR A 351 -13.44 18.78 14.11
C THR A 351 -14.12 19.25 15.38
N ALA A 352 -14.88 18.35 16.01
CA ALA A 352 -15.55 18.68 17.26
C ALA A 352 -14.53 19.15 18.30
N ALA A 353 -13.39 18.46 18.41
CA ALA A 353 -12.36 18.86 19.35
C ALA A 353 -11.84 20.26 19.04
N LYS A 354 -11.51 20.51 17.77
CA LYS A 354 -11.02 21.83 17.39
C LYS A 354 -12.03 22.92 17.73
N LEU A 355 -13.33 22.64 17.54
CA LEU A 355 -14.38 23.62 17.80
C LEU A 355 -14.83 23.64 19.25
N ARG A 356 -14.23 22.83 20.12
CA ARG A 356 -14.61 22.78 21.53
C ARG A 356 -16.07 22.42 21.72
N TRP A 357 -16.62 21.59 20.83
CA TRP A 357 -17.91 21.00 21.09
C TRP A 357 -17.81 20.14 22.34
N PRO A 358 -18.83 20.11 23.20
CA PRO A 358 -18.72 19.34 24.43
C PRO A 358 -18.65 17.84 24.17
N GLU A 359 -17.85 17.16 24.97
CA GLU A 359 -17.68 15.72 24.88
C GLU A 359 -17.43 15.29 23.42
N PRO A 360 -16.37 15.80 22.82
CA PRO A 360 -16.21 15.64 21.36
C PRO A 360 -16.02 14.22 20.90
N THR A 361 -15.55 13.30 21.75
CA THR A 361 -15.35 11.94 21.27
C THR A 361 -16.66 11.20 21.05
N GLN A 362 -17.79 11.76 21.51
CA GLN A 362 -19.07 11.16 21.15
C GLN A 362 -19.26 11.14 19.63
N TRP A 363 -18.50 11.95 18.90
CA TRP A 363 -18.60 12.05 17.46
C TRP A 363 -17.54 11.26 16.73
N CYS A 364 -16.72 10.49 17.44
CA CYS A 364 -15.73 9.69 16.75
C CYS A 364 -16.44 8.59 15.96
N ALA A 365 -15.98 8.37 14.73
CA ALA A 365 -16.50 7.42 13.74
C ALA A 365 -17.68 8.02 12.98
N TYR A 366 -18.08 9.26 13.29
CA TYR A 366 -19.13 9.93 12.52
C TYR A 366 -18.53 10.58 11.28
N LEU A 367 -19.22 10.41 10.16
CA LEU A 367 -18.81 10.96 8.87
C LEU A 367 -20.04 11.53 8.20
N ARG A 368 -19.83 12.55 7.35
CA ARG A 368 -20.96 13.20 6.70
C ARG A 368 -21.58 12.26 5.67
N THR A 369 -22.90 12.10 5.76
CA THR A 369 -23.63 11.24 4.85
C THR A 369 -23.49 11.76 3.43
N PRO A 370 -22.89 11.01 2.52
CA PRO A 370 -22.69 11.52 1.17
C PRO A 370 -23.97 11.49 0.36
N GLY A 371 -24.15 12.50 -0.49
CA GLY A 371 -25.17 12.41 -1.51
C GLY A 371 -24.84 11.32 -2.51
N LEU A 372 -25.89 10.72 -3.08
CA LEU A 372 -25.75 9.55 -3.94
C LEU A 372 -25.92 9.85 -5.43
N ARG A 373 -26.08 11.11 -5.81
CA ARG A 373 -26.15 11.41 -7.23
C ARG A 373 -24.84 11.03 -7.91
N ASN A 374 -24.95 10.34 -9.04
CA ASN A 374 -23.83 9.83 -9.82
C ASN A 374 -23.00 8.78 -9.09
N VAL A 375 -23.55 8.17 -8.03
CA VAL A 375 -22.77 7.20 -7.28
C VAL A 375 -22.32 6.04 -8.18
N ALA A 376 -23.14 5.66 -9.16
CA ALA A 376 -22.88 4.45 -9.93
C ALA A 376 -21.76 4.58 -10.94
N ILE A 377 -21.13 5.75 -11.10
CA ILE A 377 -19.97 5.89 -11.97
C ILE A 377 -18.67 6.01 -11.19
N LYS A 378 -18.73 5.99 -9.86
CA LYS A 378 -17.52 6.04 -9.07
C LYS A 378 -16.74 4.73 -9.17
N GLU A 379 -15.42 4.82 -9.00
CA GLU A 379 -14.56 3.65 -9.03
C GLU A 379 -14.35 3.01 -7.67
N SER A 380 -14.65 3.73 -6.59
CA SER A 380 -14.57 3.17 -5.25
C SER A 380 -15.52 3.95 -4.37
N PHE A 381 -15.83 3.40 -3.20
CA PHE A 381 -16.93 3.87 -2.37
C PHE A 381 -16.54 3.92 -0.90
N MET A 382 -17.26 4.79 -0.19
CA MET A 382 -17.05 5.15 1.22
C MET A 382 -15.85 6.07 1.39
N HIS A 383 -15.75 6.71 2.56
CA HIS A 383 -14.73 7.72 2.81
C HIS A 383 -13.32 7.19 2.63
N ASN A 384 -13.14 5.87 2.72
CA ASN A 384 -11.81 5.27 2.65
C ASN A 384 -11.61 4.44 1.39
N GLY A 385 -12.54 4.52 0.44
CA GLY A 385 -12.46 3.76 -0.79
C GLY A 385 -12.45 2.25 -0.63
N VAL A 386 -12.98 1.74 0.49
CA VAL A 386 -12.74 0.33 0.79
C VAL A 386 -13.47 -0.59 -0.16
N PHE A 387 -14.60 -0.17 -0.71
CA PHE A 387 -15.36 -0.98 -1.65
C PHE A 387 -15.08 -0.54 -3.08
N ASP A 388 -14.94 -1.51 -4.00
CA ASP A 388 -14.75 -1.18 -5.39
C ASP A 388 -15.97 -1.51 -6.26
N THR A 389 -17.09 -1.90 -5.67
CA THR A 389 -18.35 -2.03 -6.40
C THR A 389 -19.46 -1.38 -5.61
N LEU A 390 -20.40 -0.75 -6.33
CA LEU A 390 -21.56 -0.15 -5.69
C LEU A 390 -22.39 -1.19 -4.95
N ARG A 391 -22.52 -2.39 -5.52
CA ARG A 391 -23.32 -3.41 -4.86
C ARG A 391 -22.74 -3.79 -3.50
N ASP A 392 -21.41 -3.83 -3.38
CA ASP A 392 -20.82 -4.14 -2.08
C ASP A 392 -21.19 -3.09 -1.04
N ALA A 393 -21.24 -1.82 -1.43
CA ALA A 393 -21.63 -0.78 -0.48
C ALA A 393 -23.07 -0.99 -0.01
N VAL A 394 -23.97 -1.31 -0.93
CA VAL A 394 -25.36 -1.56 -0.56
C VAL A 394 -25.49 -2.83 0.26
N ALA A 395 -24.80 -3.90 -0.16
CA ALA A 395 -24.82 -5.15 0.59
C ALA A 395 -24.31 -4.95 2.01
N PHE A 396 -23.30 -4.10 2.17
CA PHE A 396 -22.77 -3.82 3.50
C PHE A 396 -23.83 -3.19 4.40
N MET A 397 -24.60 -2.23 3.88
CA MET A 397 -25.66 -1.65 4.70
C MET A 397 -26.59 -2.74 5.22
N ASN A 398 -26.85 -3.75 4.38
CA ASN A 398 -27.85 -4.77 4.70
C ASN A 398 -27.32 -5.83 5.68
N THR A 399 -26.04 -6.21 5.60
CA THR A 399 -25.57 -7.34 6.40
C THR A 399 -24.35 -7.04 7.25
N ARG A 400 -23.97 -5.76 7.44
CA ARG A 400 -22.95 -5.45 8.44
C ARG A 400 -23.33 -6.04 9.80
N SER A 401 -24.59 -5.88 10.21
CA SER A 401 -24.98 -6.26 11.57
C SER A 401 -25.24 -7.74 11.69
N THR A 402 -25.74 -8.38 10.62
CA THR A 402 -26.08 -9.80 10.67
C THR A 402 -24.91 -10.69 10.30
N ASP A 403 -23.95 -10.20 9.51
CA ASP A 403 -22.87 -11.02 8.98
C ASP A 403 -21.54 -10.27 9.08
N PRO A 404 -21.16 -9.84 10.28
CA PRO A 404 -19.92 -9.06 10.40
C PRO A 404 -18.68 -9.77 9.89
N ALA A 405 -18.62 -11.09 9.98
CA ALA A 405 -17.43 -11.82 9.54
C ALA A 405 -17.21 -11.65 8.04
N ARG A 406 -18.29 -11.50 7.27
CA ARG A 406 -18.16 -11.25 5.85
C ARG A 406 -17.37 -9.98 5.58
N TRP A 407 -17.59 -8.95 6.41
CA TRP A 407 -17.07 -7.62 6.12
C TRP A 407 -15.80 -7.28 6.87
N TYR A 408 -15.52 -7.94 7.99
CA TYR A 408 -14.39 -7.61 8.83
C TYR A 408 -13.43 -8.79 8.95
N HIS A 409 -13.23 -9.52 7.85
CA HIS A 409 -12.20 -10.56 7.78
C HIS A 409 -12.35 -11.60 8.89
N GLY A 410 -13.56 -12.09 9.07
CA GLY A 410 -13.82 -13.12 10.05
C GLY A 410 -14.03 -12.64 11.46
N ARG A 411 -13.75 -11.38 11.75
CA ARG A 411 -13.98 -10.83 13.07
C ARG A 411 -15.46 -10.53 13.25
N ASP A 412 -15.91 -10.56 14.49
CA ASP A 412 -17.33 -10.37 14.77
C ASP A 412 -17.67 -8.93 15.12
N THR A 413 -16.71 -8.00 15.04
CA THR A 413 -17.06 -6.58 15.18
C THR A 413 -16.12 -5.73 14.33
N PHE A 414 -16.38 -4.42 14.38
CA PHE A 414 -15.81 -3.47 13.46
C PHE A 414 -14.29 -3.45 13.56
N ASP A 415 -13.61 -3.28 12.43
CA ASP A 415 -12.16 -3.26 12.45
C ASP A 415 -11.57 -1.90 12.12
N ASP A 416 -12.38 -0.85 11.95
CA ASP A 416 -11.84 0.48 11.71
C ASP A 416 -12.34 1.50 12.72
N VAL A 417 -12.84 1.04 13.86
CA VAL A 417 -13.29 1.88 14.97
C VAL A 417 -12.50 1.47 16.20
N PRO A 418 -11.79 2.38 16.85
CA PRO A 418 -11.12 2.02 18.10
C PRO A 418 -12.10 1.41 19.10
N ARG A 419 -11.61 0.49 19.92
CA ARG A 419 -12.47 -0.13 20.92
C ARG A 419 -13.23 0.92 21.71
N ALA A 420 -12.54 2.00 22.07
CA ALA A 420 -13.15 3.01 22.94
C ALA A 420 -14.40 3.64 22.34
N TYR A 421 -14.50 3.65 21.01
CA TYR A 421 -15.57 4.37 20.34
C TYR A 421 -16.63 3.45 19.74
N ARG A 422 -16.57 2.14 19.99
CA ARG A 422 -17.55 1.24 19.41
C ARG A 422 -18.98 1.61 19.76
N GLY A 423 -19.22 2.17 20.93
CA GLY A 423 -20.58 2.54 21.31
C GLY A 423 -21.19 3.60 20.42
N ASN A 424 -20.35 4.33 19.67
CA ASN A 424 -20.83 5.39 18.80
C ASN A 424 -21.46 4.87 17.51
N VAL A 425 -21.19 3.62 17.15
CA VAL A 425 -21.64 3.09 15.87
C VAL A 425 -23.14 2.87 15.90
N ASN A 426 -23.79 3.24 14.80
CA ASN A 426 -25.23 3.09 14.68
C ASN A 426 -25.61 1.61 14.63
N VAL A 427 -26.37 1.16 15.64
CA VAL A 427 -26.97 -0.16 15.67
C VAL A 427 -28.48 -0.08 15.83
N ASN A 428 -29.07 1.10 15.65
CA ASN A 428 -30.50 1.29 15.86
C ASN A 428 -31.29 1.54 14.58
N SER A 429 -30.66 2.11 13.55
CA SER A 429 -31.36 2.38 12.31
C SER A 429 -31.44 1.12 11.45
N THR A 430 -32.63 0.81 10.96
CA THR A 430 -32.74 -0.18 9.90
C THR A 430 -31.86 0.25 8.72
N PRO A 431 -31.13 -0.68 8.08
CA PRO A 431 -31.06 -2.13 8.31
C PRO A 431 -29.92 -2.60 9.20
N MET A 432 -29.29 -1.68 9.94
CA MET A 432 -28.13 -1.98 10.76
C MET A 432 -28.50 -2.41 12.18
N ASN A 433 -29.77 -2.76 12.40
CA ASN A 433 -30.29 -3.03 13.73
C ASN A 433 -30.68 -4.49 13.92
N ARG A 434 -30.13 -5.40 13.14
CA ARG A 434 -30.44 -6.82 13.23
C ARG A 434 -29.23 -7.59 13.70
N ARG A 435 -29.43 -8.51 14.64
CA ARG A 435 -28.33 -9.15 15.32
C ARG A 435 -27.76 -10.30 14.49
N PRO A 436 -26.51 -10.67 14.73
CA PRO A 436 -25.92 -11.80 14.01
C PRO A 436 -26.78 -13.05 14.14
N GLY A 437 -26.90 -13.79 13.05
CA GLY A 437 -27.71 -14.99 13.03
C GLY A 437 -29.17 -14.76 12.78
N THR A 438 -29.63 -13.51 12.75
CA THR A 438 -31.00 -13.21 12.34
C THR A 438 -31.02 -12.86 10.86
N PRO A 439 -32.17 -13.03 10.20
CA PRO A 439 -32.25 -12.68 8.78
C PRO A 439 -32.10 -11.18 8.57
N PRO A 440 -31.36 -10.76 7.56
CA PRO A 440 -31.25 -9.33 7.27
C PRO A 440 -32.57 -8.77 6.76
N ALA A 441 -32.66 -7.45 6.75
CA ALA A 441 -33.90 -6.81 6.33
C ALA A 441 -34.20 -7.09 4.86
N MET A 442 -33.17 -7.32 4.04
CA MET A 442 -33.34 -7.40 2.60
C MET A 442 -32.67 -8.65 2.02
N THR A 443 -33.20 -9.09 0.88
CA THR A 443 -32.65 -10.20 0.12
C THR A 443 -31.60 -9.71 -0.86
N ASP A 444 -30.86 -10.66 -1.44
CA ASP A 444 -29.92 -10.28 -2.50
C ASP A 444 -30.65 -9.66 -3.68
N ALA A 445 -31.86 -10.13 -3.99
CA ALA A 445 -32.64 -9.51 -5.05
C ALA A 445 -33.00 -8.07 -4.71
N ASP A 446 -33.39 -7.82 -3.46
CA ASP A 446 -33.65 -6.45 -3.02
C ASP A 446 -32.43 -5.57 -3.25
N VAL A 447 -31.24 -6.09 -2.92
CA VAL A 447 -30.01 -5.32 -3.10
C VAL A 447 -29.78 -5.00 -4.56
N ASP A 448 -29.98 -5.99 -5.45
CA ASP A 448 -29.89 -5.72 -6.88
C ASP A 448 -30.86 -4.62 -7.30
N ASP A 449 -32.08 -4.65 -6.76
CA ASP A 449 -33.06 -3.63 -7.15
C ASP A 449 -32.65 -2.25 -6.65
N LEU A 450 -32.09 -2.18 -5.44
CA LEU A 450 -31.55 -0.90 -4.96
C LEU A 450 -30.45 -0.38 -5.88
N VAL A 451 -29.54 -1.25 -6.30
CA VAL A 451 -28.50 -0.83 -7.23
C VAL A 451 -29.12 -0.29 -8.52
N ALA A 452 -30.12 -1.00 -9.06
CA ALA A 452 -30.80 -0.53 -10.26
C ALA A 452 -31.36 0.88 -10.05
N PHE A 453 -31.97 1.12 -8.89
CA PHE A 453 -32.49 2.45 -8.62
C PHE A 453 -31.37 3.49 -8.52
N LEU A 454 -30.26 3.16 -7.85
CA LEU A 454 -29.19 4.14 -7.72
C LEU A 454 -28.62 4.53 -9.07
N ARG A 455 -28.67 3.62 -10.05
CA ARG A 455 -28.18 3.94 -11.37
C ARG A 455 -29.04 4.97 -12.09
N THR A 456 -30.29 5.18 -11.64
CA THR A 456 -31.11 6.24 -12.24
C THR A 456 -30.67 7.64 -11.80
N LEU A 457 -29.74 7.74 -10.85
CA LEU A 457 -29.28 9.02 -10.33
C LEU A 457 -28.06 9.54 -11.08
N THR A 458 -27.70 8.92 -12.20
CA THR A 458 -26.55 9.36 -12.98
C THR A 458 -26.96 10.43 -13.97
N ASP A 459 -26.24 11.56 -13.93
CA ASP A 459 -26.50 12.62 -14.90
C ASP A 459 -26.25 12.09 -16.31
N ALA A 460 -27.02 12.63 -17.26
CA ALA A 460 -27.15 12.03 -18.58
C ALA A 460 -25.80 11.82 -19.26
N ARG A 461 -24.88 12.76 -19.13
CA ARG A 461 -23.66 12.64 -19.93
C ARG A 461 -22.75 11.51 -19.47
N TYR A 462 -23.02 10.91 -18.30
CA TYR A 462 -22.11 9.93 -17.72
C TYR A 462 -22.65 8.49 -17.75
N VAL A 463 -23.85 8.28 -18.29
CA VAL A 463 -24.51 6.98 -18.12
C VAL A 463 -23.67 5.85 -18.70
N GLY A 464 -22.89 6.13 -19.74
CA GLY A 464 -22.09 5.09 -20.37
C GLY A 464 -20.98 4.52 -19.50
N LEU A 465 -20.64 5.18 -18.39
CA LEU A 465 -19.65 4.66 -17.48
C LEU A 465 -20.22 3.62 -16.51
N MET A 466 -21.55 3.49 -16.43
CA MET A 466 -22.09 2.56 -15.46
C MET A 466 -21.95 1.13 -15.96
N PRO A 467 -21.75 0.18 -15.04
CA PRO A 467 -21.80 -1.24 -15.42
C PRO A 467 -23.23 -1.71 -15.64
N THR A 468 -23.37 -2.94 -16.14
CA THR A 468 -24.66 -3.59 -16.30
C THR A 468 -24.90 -4.69 -15.28
N ALA A 469 -23.91 -5.55 -15.04
CA ALA A 469 -24.06 -6.56 -14.01
C ALA A 469 -24.30 -5.90 -12.66
N PRO A 470 -25.15 -6.46 -11.80
CA PRO A 470 -25.40 -5.83 -10.50
C PRO A 470 -24.12 -5.59 -9.70
N ASP A 471 -23.15 -6.51 -9.76
CA ASP A 471 -21.90 -6.37 -9.03
C ASP A 471 -20.77 -5.81 -9.91
N GLY A 472 -21.12 -5.09 -10.98
CA GLY A 472 -20.10 -4.59 -11.88
C GLY A 472 -19.38 -3.36 -11.36
N LYS A 473 -18.29 -3.01 -12.05
CA LYS A 473 -17.47 -1.85 -11.73
C LYS A 473 -17.64 -0.79 -12.81
N ALA A 474 -17.46 0.47 -12.42
CA ALA A 474 -17.57 1.57 -13.38
C ALA A 474 -16.46 1.47 -14.42
N ALA A 475 -16.77 1.98 -15.62
CA ALA A 475 -15.88 1.82 -16.75
C ALA A 475 -14.70 2.78 -16.68
N ARG A 476 -13.63 2.40 -17.39
CA ARG A 476 -12.41 3.19 -17.53
C ARG A 476 -12.08 3.31 -19.01
N PRO A 477 -12.87 4.08 -19.76
CA PRO A 477 -12.62 4.19 -21.22
C PRO A 477 -11.41 5.05 -21.55
N PRO B 59 20.66 -42.15 -5.18
CA PRO B 59 22.12 -42.34 -5.12
C PRO B 59 22.66 -42.24 -3.69
N PRO B 60 23.74 -42.97 -3.38
CA PRO B 60 24.32 -42.88 -2.03
C PRO B 60 25.10 -41.61 -1.79
N THR B 61 25.41 -40.82 -2.83
CA THR B 61 26.08 -39.54 -2.67
C THR B 61 25.35 -38.46 -3.45
N THR B 62 25.66 -37.21 -3.11
CA THR B 62 25.03 -36.07 -3.77
C THR B 62 26.01 -34.90 -3.80
N VAL B 63 25.93 -34.13 -4.88
CA VAL B 63 26.76 -32.95 -5.08
C VAL B 63 25.84 -31.74 -4.93
N LEU B 64 26.12 -30.90 -3.94
CA LEU B 64 25.21 -29.82 -3.55
C LEU B 64 25.66 -28.44 -4.02
N LEU B 65 26.91 -28.30 -4.45
CA LEU B 65 27.40 -27.10 -5.10
C LEU B 65 28.27 -27.53 -6.27
N PRO B 66 28.33 -26.73 -7.33
CA PRO B 66 29.14 -27.11 -8.49
C PRO B 66 30.56 -27.46 -8.08
N GLY B 67 31.04 -28.60 -8.55
CA GLY B 67 32.41 -29.00 -8.33
C GLY B 67 32.74 -29.48 -6.93
N ALA B 68 31.78 -29.45 -6.01
CA ALA B 68 32.06 -29.90 -4.65
C ALA B 68 32.19 -31.43 -4.62
N PRO B 69 32.97 -31.96 -3.69
CA PRO B 69 33.09 -33.43 -3.59
C PRO B 69 31.75 -34.03 -3.24
N PRO B 70 31.36 -35.14 -3.88
CA PRO B 70 30.11 -35.79 -3.49
C PRO B 70 30.09 -36.10 -2.00
N GLU B 71 28.90 -35.94 -1.40
CA GLU B 71 28.71 -36.15 0.03
C GLU B 71 27.80 -37.34 0.24
N ARG B 72 28.09 -38.15 1.26
CA ARG B 72 27.28 -39.33 1.55
C ARG B 72 25.89 -38.91 2.01
N VAL B 73 24.87 -39.52 1.40
CA VAL B 73 23.48 -39.29 1.77
C VAL B 73 23.10 -40.29 2.85
N VAL B 74 22.68 -39.78 4.00
CA VAL B 74 22.32 -40.65 5.12
C VAL B 74 20.82 -40.82 5.28
N ASP B 75 20.02 -39.99 4.62
CA ASP B 75 18.57 -40.12 4.65
C ASP B 75 18.02 -39.26 3.52
N THR B 76 16.77 -39.52 3.16
CA THR B 76 16.05 -38.69 2.21
C THR B 76 14.81 -38.16 2.91
N ILE B 77 14.64 -36.84 2.86
CA ILE B 77 13.56 -36.16 3.56
C ILE B 77 12.50 -35.76 2.55
N GLY B 78 11.26 -36.16 2.80
CA GLY B 78 10.23 -35.81 1.84
C GLY B 78 10.48 -36.48 0.49
N ARG B 79 10.09 -35.80 -0.58
CA ARG B 79 10.12 -36.43 -1.90
C ARG B 79 11.56 -36.73 -2.34
N GLY B 80 12.52 -35.87 -2.02
CA GLY B 80 13.85 -36.09 -2.52
C GLY B 80 14.95 -35.20 -1.97
N THR B 81 14.74 -34.61 -0.80
CA THR B 81 15.75 -33.73 -0.22
C THR B 81 16.79 -34.55 0.55
N PRO B 82 18.05 -34.51 0.13
CA PRO B 82 19.06 -35.35 0.81
C PRO B 82 19.45 -34.78 2.17
N GLN B 83 19.64 -35.69 3.13
CA GLN B 83 20.37 -35.39 4.36
C GLN B 83 21.79 -35.89 4.20
N VAL B 84 22.77 -35.05 4.52
CA VAL B 84 24.17 -35.39 4.31
C VAL B 84 24.84 -35.62 5.66
N ALA B 85 25.94 -36.39 5.61
CA ALA B 85 26.66 -36.75 6.81
C ALA B 85 27.57 -35.64 7.32
N SER B 86 28.05 -34.77 6.44
CA SER B 86 28.97 -33.70 6.81
C SER B 86 28.50 -32.38 6.21
N LYS B 87 28.89 -31.29 6.86
CA LYS B 87 28.50 -29.97 6.41
C LYS B 87 29.09 -29.68 5.03
N VAL B 88 28.28 -29.04 4.18
CA VAL B 88 28.75 -28.59 2.88
C VAL B 88 29.66 -27.39 3.07
N ASP B 89 30.79 -27.39 2.36
CA ASP B 89 31.77 -26.31 2.45
C ASP B 89 31.73 -25.48 1.18
N PRO B 90 31.14 -24.28 1.20
CA PRO B 90 31.09 -23.46 -0.03
C PRO B 90 32.45 -23.21 -0.67
N THR B 91 33.55 -23.23 0.09
CA THR B 91 34.84 -22.95 -0.52
C THR B 91 35.36 -24.14 -1.32
N ALA B 92 34.76 -25.32 -1.16
CA ALA B 92 35.08 -26.47 -1.99
C ALA B 92 34.41 -26.42 -3.35
N ALA B 93 33.48 -25.48 -3.56
CA ALA B 93 32.85 -25.35 -4.86
C ALA B 93 33.86 -24.90 -5.89
N VAL B 94 33.69 -25.38 -7.11
CA VAL B 94 34.55 -25.02 -8.24
C VAL B 94 33.63 -24.61 -9.37
N PHE B 95 33.69 -23.33 -9.74
CA PHE B 95 32.83 -22.78 -10.77
C PHE B 95 33.64 -22.62 -12.05
N ARG B 96 33.23 -23.33 -13.10
CA ARG B 96 33.89 -23.26 -14.41
C ARG B 96 32.83 -23.16 -15.51
N PRO B 97 32.00 -22.12 -15.47
CA PRO B 97 30.88 -22.07 -16.42
C PRO B 97 31.34 -21.88 -17.85
N ASP B 98 30.55 -22.47 -18.74
CA ASP B 98 30.61 -22.30 -20.18
C ASP B 98 30.43 -20.81 -20.48
N PRO B 99 31.44 -20.12 -20.99
CA PRO B 99 31.29 -18.67 -21.20
C PRO B 99 30.30 -18.34 -22.30
N THR B 100 30.00 -19.26 -23.21
CA THR B 100 28.92 -19.00 -24.17
C THR B 100 27.58 -18.97 -23.47
N LEU B 101 27.36 -19.89 -22.52
CA LEU B 101 26.17 -19.82 -21.70
C LEU B 101 26.17 -18.53 -20.88
N ALA B 102 27.31 -18.18 -20.28
CA ALA B 102 27.31 -17.05 -19.35
C ALA B 102 27.00 -15.76 -20.07
N ALA B 103 27.57 -15.56 -21.26
CA ALA B 103 27.26 -14.35 -22.03
C ALA B 103 25.80 -14.33 -22.44
N LEU B 104 25.26 -15.50 -22.78
CA LEU B 104 23.85 -15.59 -23.10
C LEU B 104 22.99 -15.29 -21.87
N GLY B 105 23.39 -15.81 -20.71
CA GLY B 105 22.66 -15.51 -19.49
C GLY B 105 22.68 -14.03 -19.13
N LYS B 106 23.83 -13.39 -19.33
CA LYS B 106 23.90 -11.95 -19.10
C LYS B 106 22.98 -11.18 -20.06
N ARG B 107 22.93 -11.62 -21.33
CA ARG B 107 22.01 -11.00 -22.28
C ARG B 107 20.57 -11.16 -21.82
N VAL B 108 20.20 -12.36 -21.34
CA VAL B 108 18.87 -12.56 -20.78
C VAL B 108 18.62 -11.59 -19.63
N PHE B 109 19.61 -11.46 -18.76
CA PHE B 109 19.43 -10.67 -17.54
C PHE B 109 19.03 -9.25 -17.84
N PHE B 110 19.51 -8.70 -18.95
CA PHE B 110 19.25 -7.29 -19.27
C PHE B 110 18.24 -7.09 -20.38
N ASP B 111 17.52 -8.14 -20.78
CA ASP B 111 16.62 -8.03 -21.93
C ASP B 111 15.24 -7.56 -21.47
N PRO B 112 14.82 -6.33 -21.80
CA PRO B 112 13.51 -5.86 -21.33
C PRO B 112 12.33 -6.45 -22.06
N ALA B 113 12.54 -7.27 -23.09
CA ALA B 113 11.40 -7.91 -23.74
C ALA B 113 10.76 -9.00 -22.88
N LEU B 114 11.39 -9.39 -21.78
CA LEU B 114 10.95 -10.56 -21.05
C LEU B 114 9.84 -10.27 -20.06
N SER B 115 9.35 -9.03 -19.97
CA SER B 115 8.23 -8.69 -19.11
C SER B 115 6.98 -8.40 -19.94
N GLU B 116 5.85 -8.32 -19.23
CA GLU B 116 4.57 -7.90 -19.80
C GLU B 116 3.96 -6.90 -18.85
N PRO B 117 3.76 -5.63 -19.26
CA PRO B 117 4.24 -5.04 -20.52
C PRO B 117 5.76 -5.10 -20.62
N ARG B 118 6.28 -5.03 -21.84
CA ARG B 118 7.72 -5.06 -22.02
C ARG B 118 8.34 -3.80 -21.45
N GLY B 119 9.61 -3.91 -21.05
CA GLY B 119 10.33 -2.79 -20.51
C GLY B 119 11.05 -3.08 -19.21
N MET B 120 10.72 -4.21 -18.58
CA MET B 120 11.33 -4.62 -17.33
C MET B 120 12.20 -5.85 -17.57
N SER B 121 13.47 -5.77 -17.17
CA SER B 121 14.39 -6.89 -17.22
C SER B 121 14.72 -7.34 -15.80
N CYS B 122 15.49 -8.43 -15.70
CA CYS B 122 15.98 -8.84 -14.39
C CYS B 122 16.64 -7.67 -13.66
N ALA B 123 17.42 -6.87 -14.39
CA ALA B 123 18.15 -5.77 -13.78
C ALA B 123 17.23 -4.69 -13.22
N SER B 124 15.96 -4.65 -13.65
CA SER B 124 15.00 -3.70 -13.08
C SER B 124 14.82 -3.90 -11.59
N CYS B 125 15.11 -5.09 -11.06
CA CYS B 125 15.05 -5.37 -9.63
C CYS B 125 16.39 -5.78 -9.06
N HIS B 126 17.44 -5.75 -9.86
CA HIS B 126 18.78 -6.20 -9.47
C HIS B 126 19.75 -5.27 -10.20
N ASP B 127 19.95 -4.10 -9.62
CA ASP B 127 20.69 -3.02 -10.27
C ASP B 127 22.18 -3.34 -10.26
N PRO B 128 22.84 -3.45 -11.42
CA PRO B 128 24.29 -3.70 -11.38
C PRO B 128 25.04 -2.61 -10.65
N GLY B 129 24.52 -1.38 -10.63
CA GLY B 129 25.13 -0.31 -9.88
C GLY B 129 24.93 -0.37 -8.38
N ARG B 130 24.13 -1.32 -7.89
CA ARG B 130 23.90 -1.52 -6.46
C ARG B 130 24.08 -3.00 -6.10
N ALA B 131 25.18 -3.59 -6.57
CA ALA B 131 25.52 -4.99 -6.29
C ALA B 131 24.40 -5.96 -6.66
N PHE B 132 23.67 -5.63 -7.73
CA PHE B 132 22.57 -6.48 -8.21
C PHE B 132 21.49 -6.66 -7.15
N ALA B 133 21.35 -5.67 -6.27
CA ALA B 133 20.19 -5.49 -5.42
C ALA B 133 19.30 -4.41 -6.00
N PRO B 134 18.02 -4.37 -5.65
CA PRO B 134 17.12 -3.41 -6.29
C PRO B 134 17.45 -1.97 -5.92
N THR B 135 17.37 -1.10 -6.92
CA THR B 135 17.15 0.32 -6.71
C THR B 135 15.65 0.52 -6.89
N LEU B 136 14.98 0.90 -5.80
CA LEU B 136 13.52 0.91 -5.79
C LEU B 136 12.99 2.07 -6.62
N SER B 137 11.87 1.83 -7.30
CA SER B 137 11.15 2.92 -7.95
C SER B 137 10.69 3.93 -6.92
N PRO B 138 10.39 5.16 -7.35
CA PRO B 138 9.86 6.14 -6.39
C PRO B 138 8.62 5.63 -5.66
N ALA B 139 7.71 4.94 -6.36
CA ALA B 139 6.52 4.45 -5.70
C ALA B 139 6.84 3.36 -4.68
N ALA B 140 7.78 2.48 -5.03
CA ALA B 140 8.18 1.43 -4.10
C ALA B 140 8.84 2.03 -2.86
N LEU B 141 9.72 3.02 -3.05
CA LEU B 141 10.40 3.65 -1.93
C LEU B 141 9.42 4.32 -0.98
N ALA B 142 8.33 4.88 -1.52
CA ALA B 142 7.35 5.58 -0.70
C ALA B 142 6.37 4.64 -0.01
N GLY B 143 6.28 3.40 -0.45
CA GLY B 143 5.29 2.49 0.07
C GLY B 143 5.89 1.21 0.62
N PRO B 144 5.77 0.12 -0.14
CA PRO B 144 6.13 -1.19 0.43
C PRO B 144 7.63 -1.43 0.61
N ARG B 145 8.50 -0.66 -0.05
CA ARG B 145 9.93 -0.83 0.14
C ARG B 145 10.40 -2.20 -0.35
N VAL B 146 9.69 -2.75 -1.33
CA VAL B 146 10.12 -3.91 -2.09
C VAL B 146 9.96 -3.58 -3.56
N PRO B 147 10.60 -4.32 -4.45
CA PRO B 147 10.58 -3.92 -5.87
C PRO B 147 9.18 -3.83 -6.47
N GLN B 148 8.98 -2.81 -7.29
CA GLN B 148 7.81 -2.73 -8.15
C GLN B 148 7.96 -3.69 -9.34
N GLY B 149 6.86 -4.34 -9.67
CA GLY B 149 6.79 -5.19 -10.84
C GLY B 149 6.53 -4.41 -12.11
N SER B 150 6.05 -5.14 -13.12
CA SER B 150 5.99 -4.60 -14.48
C SER B 150 4.87 -3.60 -14.68
N ARG B 151 3.96 -3.48 -13.72
CA ARG B 151 2.79 -2.63 -13.85
C ARG B 151 2.65 -1.74 -12.63
N PRO B 152 2.08 -0.55 -12.79
CA PRO B 152 1.86 0.33 -11.63
C PRO B 152 1.04 -0.38 -10.56
N GLY B 153 1.45 -0.19 -9.31
CA GLY B 153 0.72 -0.74 -8.18
C GLY B 153 0.91 -2.21 -7.94
N HIS B 154 1.77 -2.88 -8.73
CA HIS B 154 2.11 -4.28 -8.51
C HIS B 154 3.54 -4.33 -7.98
N PHE B 155 3.73 -5.12 -6.93
CA PHE B 155 5.01 -5.22 -6.25
C PHE B 155 5.33 -6.68 -5.97
N SER B 156 6.62 -6.97 -5.89
CA SER B 156 7.07 -8.26 -5.39
C SER B 156 6.46 -8.53 -4.02
N ARG B 157 6.33 -9.81 -3.68
CA ARG B 157 5.80 -10.19 -2.38
C ARG B 157 6.84 -10.11 -1.28
N ARG B 158 8.12 -10.03 -1.66
CA ARG B 158 9.25 -9.96 -0.77
C ARG B 158 10.23 -8.93 -1.32
N ASN B 159 11.19 -8.53 -0.47
CA ASN B 159 12.30 -7.72 -0.91
C ASN B 159 13.27 -8.59 -1.71
N ALA B 160 13.97 -7.98 -2.65
CA ALA B 160 14.96 -8.70 -3.45
C ALA B 160 16.36 -8.52 -2.88
N PRO B 161 17.17 -9.56 -2.85
CA PRO B 161 18.55 -9.46 -2.37
C PRO B 161 19.50 -9.07 -3.48
N SER B 162 20.71 -8.68 -3.05
CA SER B 162 21.87 -8.70 -3.92
C SER B 162 22.08 -10.10 -4.49
N LEU B 163 22.38 -10.16 -5.79
CA LEU B 163 22.73 -11.44 -6.42
C LEU B 163 24.23 -11.70 -6.43
N LEU B 164 25.07 -10.74 -6.00
CA LEU B 164 26.47 -11.10 -5.83
C LEU B 164 26.56 -12.20 -4.78
N TYR B 165 27.45 -13.15 -5.02
CA TYR B 165 27.71 -14.29 -4.15
C TYR B 165 26.57 -15.30 -4.12
N VAL B 166 25.56 -15.14 -4.99
CA VAL B 166 24.47 -16.10 -5.01
C VAL B 166 24.92 -17.47 -5.47
N ARG B 167 26.04 -17.55 -6.20
CA ARG B 167 26.49 -18.86 -6.66
C ARG B 167 26.86 -19.79 -5.50
N TYR B 168 27.02 -19.26 -4.29
CA TYR B 168 27.39 -20.10 -3.15
C TYR B 168 26.20 -20.71 -2.42
N VAL B 169 24.97 -20.33 -2.77
CA VAL B 169 23.80 -20.92 -2.12
C VAL B 169 23.70 -22.37 -2.58
N PRO B 170 23.83 -23.33 -1.69
CA PRO B 170 23.79 -24.74 -2.12
C PRO B 170 22.37 -25.21 -2.42
N ARG B 171 22.29 -26.37 -3.06
CA ARG B 171 21.01 -27.06 -3.21
C ARG B 171 20.44 -27.38 -1.84
N ARG B 172 19.12 -27.56 -1.79
CA ARG B 172 18.45 -27.91 -0.54
C ARG B 172 18.99 -29.20 0.03
N HIS B 173 19.25 -29.19 1.33
CA HIS B 173 19.67 -30.40 2.03
C HIS B 173 19.41 -30.25 3.52
N PHE B 174 19.49 -31.38 4.21
CA PHE B 174 19.45 -31.40 5.66
C PHE B 174 20.79 -31.84 6.21
N TYR B 175 21.10 -31.32 7.41
CA TYR B 175 22.30 -31.70 8.13
C TYR B 175 22.05 -31.56 9.62
N GLN B 176 22.50 -32.57 10.39
CA GLN B 176 22.34 -32.59 11.84
C GLN B 176 23.73 -32.39 12.47
N ASP B 177 23.95 -31.17 12.97
CA ASP B 177 25.13 -30.80 13.72
C ASP B 177 25.31 -31.71 14.94
N ASP B 178 26.54 -31.77 15.44
CA ASP B 178 26.78 -32.52 16.66
C ASP B 178 25.93 -31.99 17.81
N ASP B 179 25.76 -30.68 17.90
CA ASP B 179 24.98 -30.07 18.97
C ASP B 179 23.48 -30.06 18.71
N ALA B 180 23.00 -30.70 17.64
CA ALA B 180 21.59 -30.65 17.26
C ALA B 180 20.89 -31.97 17.58
N LEU B 181 19.59 -31.89 17.80
CA LEU B 181 18.80 -33.08 18.10
C LEU B 181 18.09 -33.65 16.88
N ALA B 182 17.92 -32.85 15.84
CA ALA B 182 17.26 -33.30 14.62
C ALA B 182 17.90 -32.57 13.45
N PRO B 183 17.72 -33.07 12.24
CA PRO B 183 18.31 -32.41 11.07
C PRO B 183 17.75 -31.02 10.87
N ALA B 184 18.58 -30.14 10.34
CA ALA B 184 18.17 -28.77 10.02
C ALA B 184 18.28 -28.55 8.52
N PRO B 185 17.45 -27.68 7.96
CA PRO B 185 17.47 -27.42 6.52
C PRO B 185 18.48 -26.35 6.14
N PHE B 186 19.05 -26.53 4.95
CA PHE B 186 20.03 -25.62 4.38
C PHE B 186 19.81 -25.51 2.88
N GLY B 187 20.14 -24.34 2.33
CA GLY B 187 20.17 -24.20 0.90
C GLY B 187 18.81 -23.92 0.29
N GLY B 188 18.78 -23.90 -1.03
CA GLY B 188 17.60 -23.51 -1.78
C GLY B 188 17.63 -22.03 -2.06
N LEU B 189 17.28 -21.63 -3.28
CA LEU B 189 17.17 -20.23 -3.66
C LEU B 189 15.77 -19.71 -3.30
N PHE B 190 15.68 -18.39 -3.21
CA PHE B 190 14.57 -17.66 -2.57
C PHE B 190 14.63 -17.81 -1.04
N SER B 191 14.01 -16.88 -0.32
CA SER B 191 14.08 -16.88 1.14
C SER B 191 13.35 -18.08 1.74
N ASP B 192 12.49 -18.74 0.98
CA ASP B 192 11.83 -19.96 1.42
C ASP B 192 12.36 -21.20 0.73
N GLY B 193 13.50 -21.09 0.03
CA GLY B 193 14.16 -22.24 -0.55
C GLY B 193 13.38 -22.95 -1.63
N ARG B 194 12.42 -22.29 -2.27
CA ARG B 194 11.51 -23.02 -3.15
C ARG B 194 12.14 -23.42 -4.48
N ALA B 195 13.32 -22.89 -4.83
CA ALA B 195 14.06 -23.32 -6.01
C ALA B 195 15.34 -24.02 -5.58
N ASP B 196 15.61 -25.19 -6.17
CA ASP B 196 16.78 -25.95 -5.78
C ASP B 196 18.06 -25.37 -6.35
N THR B 197 17.97 -24.73 -7.52
CA THR B 197 19.13 -24.25 -8.24
C THR B 197 18.82 -22.91 -8.88
N LEU B 198 19.89 -22.24 -9.33
CA LEU B 198 19.74 -20.99 -10.06
C LEU B 198 18.96 -21.19 -11.35
N ALA B 199 19.17 -22.33 -12.03
CA ALA B 199 18.41 -22.61 -13.25
C ALA B 199 16.92 -22.64 -12.97
N GLU B 200 16.51 -23.26 -11.86
CA GLU B 200 15.09 -23.36 -11.53
C GLU B 200 14.53 -22.01 -11.07
N GLN B 201 15.38 -21.16 -10.49
CA GLN B 201 14.90 -19.95 -9.84
C GLN B 201 14.16 -19.01 -10.80
N LEU B 202 14.62 -18.92 -12.05
CA LEU B 202 14.08 -17.81 -12.84
C LEU B 202 12.63 -18.04 -13.27
N ARG B 203 12.09 -19.24 -13.08
CA ARG B 203 10.67 -19.44 -13.29
C ARG B 203 9.84 -18.50 -12.41
N GLY B 204 10.36 -18.17 -11.22
CA GLY B 204 9.64 -17.33 -10.30
C GLY B 204 9.30 -15.98 -10.87
N PRO B 205 10.31 -15.12 -11.08
CA PRO B 205 10.01 -13.77 -11.58
C PRO B 205 9.38 -13.78 -12.97
N LEU B 206 9.73 -14.72 -13.83
CA LEU B 206 9.20 -14.70 -15.19
C LEU B 206 7.70 -14.85 -15.21
N PHE B 207 7.13 -15.67 -14.32
CA PHE B 207 5.73 -16.05 -14.42
C PHE B 207 4.88 -15.53 -13.25
N ASP B 208 5.45 -14.67 -12.41
CA ASP B 208 4.70 -14.04 -11.32
C ASP B 208 3.97 -12.82 -11.84
N PRO B 209 2.64 -12.75 -11.73
CA PRO B 209 1.92 -11.58 -12.27
C PRO B 209 2.31 -10.26 -11.64
N ASP B 210 2.89 -10.27 -10.45
CA ASP B 210 3.29 -9.04 -9.79
C ASP B 210 4.74 -8.66 -10.06
N GLU B 211 5.47 -9.49 -10.82
CA GLU B 211 6.86 -9.21 -11.19
C GLU B 211 6.92 -9.06 -12.73
N MET B 212 7.46 -10.05 -13.44
CA MET B 212 7.60 -9.87 -14.88
C MET B 212 6.33 -10.20 -15.66
N ASN B 213 5.43 -11.03 -15.11
CA ASN B 213 4.03 -11.13 -15.56
C ASN B 213 3.90 -11.75 -16.94
N ASN B 214 4.70 -12.77 -17.24
CA ASN B 214 4.39 -13.62 -18.39
C ASN B 214 3.34 -14.64 -17.97
N ALA B 215 2.34 -14.83 -18.82
CA ALA B 215 1.20 -15.65 -18.44
C ALA B 215 1.58 -17.11 -18.29
N SER B 216 2.53 -17.60 -19.08
CA SER B 216 2.84 -19.02 -19.15
C SER B 216 4.14 -19.22 -19.91
N ALA B 217 4.71 -20.41 -19.76
CA ALA B 217 5.89 -20.75 -20.55
C ALA B 217 5.58 -20.70 -22.04
N ALA B 218 4.39 -21.16 -22.43
CA ALA B 218 4.03 -21.12 -23.84
C ALA B 218 3.95 -19.71 -24.37
N ALA B 219 3.33 -18.80 -23.60
CA ALA B 219 3.27 -17.41 -24.03
C ALA B 219 4.67 -16.81 -24.12
N LEU B 220 5.54 -17.12 -23.15
CA LEU B 220 6.92 -16.63 -23.20
C LEU B 220 7.63 -17.13 -24.44
N MET B 221 7.47 -18.42 -24.76
CA MET B 221 8.13 -18.97 -25.94
C MET B 221 7.66 -18.28 -27.20
N ARG B 222 6.35 -18.06 -27.34
CA ARG B 222 5.81 -17.37 -28.50
C ARG B 222 6.44 -16.00 -28.64
N LYS B 223 6.58 -15.27 -27.53
CA LYS B 223 7.20 -13.95 -27.58
C LYS B 223 8.66 -14.05 -27.96
N ILE B 224 9.41 -14.91 -27.28
CA ILE B 224 10.85 -15.01 -27.51
C ILE B 224 11.15 -15.45 -28.93
N GLY B 225 10.26 -16.24 -29.54
CA GLY B 225 10.48 -16.68 -30.91
C GLY B 225 10.65 -15.55 -31.90
N ARG B 226 10.08 -14.38 -31.62
CA ARG B 226 10.22 -13.22 -32.50
C ARG B 226 11.26 -12.21 -32.01
N THR B 227 12.16 -12.62 -31.10
CA THR B 227 13.16 -11.72 -30.56
C THR B 227 14.55 -12.11 -31.04
N GLY B 228 15.49 -11.17 -30.87
CA GLY B 228 16.88 -11.49 -31.13
C GLY B 228 17.42 -12.51 -30.16
N LEU B 229 17.00 -12.42 -28.90
CA LEU B 229 17.39 -13.44 -27.92
C LEU B 229 16.95 -14.82 -28.37
N GLY B 230 15.74 -14.93 -28.92
CA GLY B 230 15.24 -16.23 -29.34
C GLY B 230 16.07 -16.84 -30.46
N ALA B 231 16.51 -16.00 -31.40
CA ALA B 231 17.39 -16.49 -32.45
C ALA B 231 18.70 -17.02 -31.88
N ALA B 232 19.26 -16.31 -30.89
CA ALA B 232 20.52 -16.73 -30.30
C ALA B 232 20.36 -18.01 -29.50
N LEU B 233 19.22 -18.16 -28.81
CA LEU B 233 18.95 -19.39 -28.06
C LEU B 233 18.86 -20.58 -29.01
N ALA B 234 18.12 -20.41 -30.11
CA ALA B 234 17.99 -21.48 -31.08
C ALA B 234 19.33 -21.79 -31.74
N GLY B 235 20.18 -20.77 -31.89
CA GLY B 235 21.53 -21.03 -32.41
C GLY B 235 22.36 -21.89 -31.48
N ARG B 236 22.25 -21.68 -30.18
CA ARG B 236 23.06 -22.40 -29.21
C ARG B 236 22.45 -23.74 -28.82
N PHE B 237 21.13 -23.84 -28.77
CA PHE B 237 20.46 -25.01 -28.23
C PHE B 237 19.64 -25.78 -29.25
N GLY B 238 19.51 -25.28 -30.47
CA GLY B 238 18.79 -25.98 -31.51
C GLY B 238 17.33 -25.61 -31.57
N PRO B 239 16.61 -26.13 -32.58
CA PRO B 239 15.25 -25.65 -32.84
C PRO B 239 14.21 -26.14 -31.84
N SER B 240 14.51 -27.12 -30.99
CA SER B 240 13.50 -27.57 -30.04
C SER B 240 13.05 -26.43 -29.12
N VAL B 241 13.93 -25.47 -28.83
CA VAL B 241 13.56 -24.38 -27.93
C VAL B 241 12.45 -23.51 -28.53
N ARG B 242 12.22 -23.61 -29.84
CA ARG B 242 11.13 -22.89 -30.48
C ARG B 242 9.81 -23.63 -30.44
N ARG B 243 9.82 -24.93 -30.13
CA ARG B 243 8.60 -25.72 -30.12
C ARG B 243 8.20 -26.21 -28.72
N ASP B 244 9.15 -26.28 -27.79
CA ASP B 244 8.93 -26.89 -26.47
C ASP B 244 9.09 -25.82 -25.40
N PRO B 245 7.99 -25.29 -24.84
CA PRO B 245 8.15 -24.19 -23.86
C PRO B 245 8.96 -24.59 -22.65
N GLU B 246 8.82 -25.84 -22.19
CA GLU B 246 9.59 -26.30 -21.04
C GLU B 246 11.08 -26.37 -21.37
N ARG B 247 11.44 -26.79 -22.57
CA ARG B 247 12.86 -26.81 -22.91
C ARG B 247 13.39 -25.38 -22.97
N MET B 248 12.60 -24.45 -23.50
CA MET B 248 13.05 -23.07 -23.54
CA MET B 248 13.03 -23.07 -23.54
C MET B 248 13.32 -22.55 -22.15
N VAL B 249 12.41 -22.80 -21.20
CA VAL B 249 12.63 -22.34 -19.84
C VAL B 249 13.89 -22.97 -19.25
N ARG B 250 14.12 -24.25 -19.56
CA ARG B 250 15.30 -24.91 -19.01
C ARG B 250 16.58 -24.32 -19.56
N VAL B 251 16.63 -24.01 -20.86
CA VAL B 251 17.89 -23.50 -21.39
C VAL B 251 18.09 -22.05 -20.99
N LEU B 252 17.00 -21.29 -20.84
CA LEU B 252 17.12 -19.98 -20.21
C LEU B 252 17.76 -20.10 -18.83
N GLY B 253 17.32 -21.09 -18.04
CA GLY B 253 17.89 -21.28 -16.72
C GLY B 253 19.35 -21.72 -16.76
N GLU B 254 19.70 -22.58 -17.71
CA GLU B 254 21.09 -22.99 -17.87
C GLU B 254 21.99 -21.79 -18.14
N ALA B 255 21.57 -20.94 -19.07
CA ALA B 255 22.35 -19.75 -19.40
C ALA B 255 22.45 -18.82 -18.20
N MET B 256 21.34 -18.57 -17.52
CA MET B 256 21.37 -17.67 -16.37
C MET B 256 22.26 -18.22 -15.28
N GLN B 257 22.18 -19.52 -15.02
CA GLN B 257 23.01 -20.14 -14.00
C GLN B 257 24.50 -19.95 -14.30
N ALA B 258 24.88 -20.12 -15.57
CA ALA B 258 26.28 -19.91 -15.95
C ALA B 258 26.72 -18.48 -15.70
N TYR B 259 25.87 -17.50 -16.03
CA TYR B 259 26.18 -16.10 -15.76
C TYR B 259 26.36 -15.86 -14.26
N LEU B 260 25.41 -16.33 -13.45
CA LEU B 260 25.44 -16.05 -12.02
C LEU B 260 26.52 -16.83 -11.31
N GLN B 261 27.09 -17.85 -11.95
CA GLN B 261 28.22 -18.61 -11.39
C GLN B 261 29.57 -18.03 -11.81
N SER B 262 29.59 -17.03 -12.68
N SER B 262 29.58 -17.03 -12.68
CA SER B 262 30.84 -16.45 -13.14
CA SER B 262 30.83 -16.42 -13.14
C SER B 262 31.49 -15.59 -12.05
C SER B 262 31.49 -15.61 -12.03
N ASP B 263 32.81 -15.47 -12.14
CA ASP B 263 33.56 -14.76 -11.11
C ASP B 263 33.16 -13.30 -10.98
N GLU B 264 32.72 -12.66 -12.07
CA GLU B 264 32.33 -11.26 -11.92
C GLU B 264 31.13 -11.09 -11.02
N MET B 265 30.39 -12.17 -10.76
CA MET B 265 29.28 -12.13 -9.81
C MET B 265 29.70 -12.54 -8.40
N ALA B 266 31.01 -12.56 -8.12
CA ALA B 266 31.52 -12.80 -6.76
C ALA B 266 32.88 -12.13 -6.62
N PRO B 267 32.90 -10.80 -6.51
CA PRO B 267 34.17 -10.08 -6.67
C PRO B 267 35.12 -10.10 -5.48
N PHE B 268 34.62 -10.20 -4.25
CA PHE B 268 35.45 -10.18 -3.04
C PHE B 268 36.43 -9.00 -3.05
N SER B 269 35.85 -7.80 -3.19
CA SER B 269 36.63 -6.57 -3.31
C SER B 269 36.34 -5.58 -2.19
N SER B 270 35.84 -6.04 -1.05
CA SER B 270 35.50 -5.15 0.04
C SER B 270 36.71 -4.88 0.93
N ARG B 271 36.58 -3.87 1.79
CA ARG B 271 37.65 -3.60 2.76
C ARG B 271 37.82 -4.76 3.74
N TYR B 272 36.73 -5.47 4.07
CA TYR B 272 36.86 -6.70 4.86
C TYR B 272 37.74 -7.71 4.14
N ASP B 273 37.61 -7.80 2.81
CA ASP B 273 38.42 -8.75 2.06
C ASP B 273 39.88 -8.32 2.03
N ALA B 274 40.13 -7.01 1.91
CA ALA B 274 41.49 -6.50 2.02
C ALA B 274 42.06 -6.78 3.40
N TYR B 275 41.21 -6.80 4.44
CA TYR B 275 41.67 -7.12 5.78
C TYR B 275 42.06 -8.60 5.91
N VAL B 276 41.21 -9.51 5.45
CA VAL B 276 41.52 -10.93 5.64
C VAL B 276 42.72 -11.34 4.80
N THR B 277 42.92 -10.71 3.64
CA THR B 277 44.10 -10.97 2.82
C THR B 277 45.29 -10.12 3.23
N LYS B 278 45.16 -9.33 4.29
CA LYS B 278 46.27 -8.57 4.89
C LYS B 278 46.84 -7.51 3.96
N ARG B 279 46.00 -6.96 3.07
CA ARG B 279 46.41 -5.82 2.25
C ARG B 279 46.30 -4.50 3.01
N ALA B 280 45.36 -4.39 3.95
CA ALA B 280 45.10 -3.14 4.66
C ALA B 280 44.24 -3.38 5.90
N PRO B 281 44.38 -2.59 6.95
CA PRO B 281 43.64 -2.85 8.19
C PRO B 281 42.28 -2.16 8.23
N LEU B 282 41.50 -2.55 9.23
CA LEU B 282 40.26 -1.88 9.57
C LEU B 282 40.52 -0.88 10.70
N THR B 283 39.58 0.04 10.88
CA THR B 283 39.67 1.02 11.94
C THR B 283 39.36 0.40 13.29
N PRO B 284 39.74 1.06 14.39
CA PRO B 284 39.40 0.53 15.71
C PRO B 284 37.90 0.32 15.92
N GLN B 285 37.08 1.23 15.42
CA GLN B 285 35.64 1.05 15.58
C GLN B 285 35.18 -0.19 14.82
N GLU B 286 35.62 -0.31 13.57
CA GLU B 286 35.29 -1.49 12.78
C GLU B 286 35.75 -2.76 13.48
N MET B 287 36.90 -2.71 14.15
CA MET B 287 37.37 -3.89 14.87
C MET B 287 36.54 -4.17 16.13
N ARG B 288 36.04 -3.12 16.80
CA ARG B 288 35.09 -3.34 17.88
C ARG B 288 33.83 -4.02 17.35
N GLY B 289 33.36 -3.59 16.18
CA GLY B 289 32.19 -4.23 15.58
C GLY B 289 32.44 -5.69 15.25
N LEU B 290 33.62 -5.98 14.70
CA LEU B 290 33.98 -7.37 14.41
C LEU B 290 33.94 -8.20 15.69
N ALA B 291 34.49 -7.67 16.77
CA ALA B 291 34.52 -8.42 18.02
C ALA B 291 33.11 -8.66 18.55
N LEU B 292 32.26 -7.63 18.46
CA LEU B 292 30.86 -7.80 18.85
C LEU B 292 30.18 -8.85 17.97
N PHE B 293 30.51 -8.84 16.68
CA PHE B 293 29.89 -9.74 15.72
C PHE B 293 30.15 -11.20 16.06
N ARG B 294 31.33 -11.51 16.60
CA ARG B 294 31.68 -12.88 16.93
C ARG B 294 31.65 -13.17 18.42
N ASN B 295 31.11 -12.26 19.23
CA ASN B 295 31.01 -12.47 20.66
C ASN B 295 29.71 -13.22 20.96
N PRO B 296 29.76 -14.47 21.45
CA PRO B 296 28.51 -15.20 21.70
C PRO B 296 27.63 -14.59 22.76
N ASP B 297 28.16 -13.68 23.59
CA ASP B 297 27.38 -13.08 24.66
C ASP B 297 26.94 -11.66 24.38
N LYS B 298 27.34 -11.10 23.24
CA LYS B 298 26.82 -9.79 22.84
C LYS B 298 26.10 -9.89 21.50
N GLY B 299 26.81 -9.73 20.39
CA GLY B 299 26.15 -9.79 19.09
C GLY B 299 25.74 -11.19 18.69
N ASN B 300 26.64 -12.16 18.87
CA ASN B 300 26.42 -13.55 18.50
C ASN B 300 26.02 -13.70 17.03
N CYS B 301 26.34 -12.70 16.21
CA CYS B 301 25.91 -12.71 14.82
C CYS B 301 26.53 -13.85 14.06
N MET B 302 27.78 -14.20 14.39
CA MET B 302 28.52 -15.23 13.68
C MET B 302 27.88 -16.61 13.78
N SER B 303 26.99 -16.82 14.76
CA SER B 303 26.38 -18.13 14.91
C SER B 303 25.43 -18.45 13.76
N CYS B 304 24.94 -17.44 13.07
CA CYS B 304 24.12 -17.61 11.87
C CYS B 304 24.77 -17.03 10.63
N HIS B 305 25.41 -15.85 10.76
CA HIS B 305 26.10 -15.19 9.66
C HIS B 305 27.59 -15.57 9.76
N THR B 306 27.88 -16.77 9.29
CA THR B 306 29.20 -17.36 9.49
CA THR B 306 29.20 -17.37 9.47
C THR B 306 30.29 -16.53 8.80
N LEU B 307 31.45 -16.44 9.48
CA LEU B 307 32.62 -15.81 8.90
C LEU B 307 33.86 -16.51 9.43
N SER B 308 34.96 -16.33 8.72
CA SER B 308 36.28 -16.86 9.13
C SER B 308 37.28 -15.72 8.99
N ASP B 309 37.33 -14.84 9.98
CA ASP B 309 38.17 -13.65 9.89
C ASP B 309 39.65 -13.99 9.96
N THR B 310 40.02 -15.20 10.39
CA THR B 310 41.41 -15.62 10.43
C THR B 310 41.80 -16.48 9.23
N ALA B 311 40.88 -16.75 8.31
CA ALA B 311 41.21 -17.46 7.09
C ALA B 311 41.70 -16.46 6.04
N SER B 312 42.70 -16.89 5.27
CA SER B 312 43.26 -16.02 4.24
C SER B 312 42.39 -15.94 2.99
N ARG B 313 41.44 -16.85 2.81
CA ARG B 313 40.58 -16.85 1.63
C ARG B 313 39.32 -16.07 1.91
N PRO B 314 39.05 -14.97 1.18
CA PRO B 314 37.79 -14.24 1.43
C PRO B 314 36.54 -15.08 1.25
N GLU B 315 36.58 -16.11 0.39
CA GLU B 315 35.39 -16.92 0.20
C GLU B 315 35.07 -17.79 1.41
N ARG B 316 35.95 -17.84 2.41
CA ARG B 316 35.61 -18.49 3.67
C ARG B 316 34.69 -17.64 4.55
N SER B 317 34.39 -16.41 4.12
CA SER B 317 33.52 -15.50 4.86
C SER B 317 32.35 -15.09 3.96
N LEU B 318 31.26 -15.87 4.02
CA LEU B 318 30.07 -15.55 3.25
C LEU B 318 28.97 -14.93 4.10
N PHE B 319 29.15 -14.89 5.42
CA PHE B 319 28.25 -14.19 6.34
C PHE B 319 26.84 -14.79 6.33
N THR B 320 26.79 -16.09 6.06
CA THR B 320 25.63 -16.93 6.29
C THR B 320 26.09 -18.38 6.22
N ASP B 321 25.37 -19.26 6.91
CA ASP B 321 25.52 -20.69 6.75
C ASP B 321 24.50 -21.27 5.80
N PHE B 322 23.71 -20.41 5.15
CA PHE B 322 22.64 -20.81 4.23
C PHE B 322 21.57 -21.66 4.92
N GLY B 323 21.51 -21.59 6.24
CA GLY B 323 20.45 -22.20 7.01
C GLY B 323 19.25 -21.27 7.14
N TYR B 324 18.33 -21.67 8.01
CA TYR B 324 17.03 -21.02 8.17
C TYR B 324 16.77 -20.73 9.64
N ASP B 325 16.16 -19.57 9.92
CA ASP B 325 15.64 -19.36 11.25
C ASP B 325 14.48 -18.39 11.22
N ALA B 326 13.87 -18.21 12.38
CA ALA B 326 12.62 -17.49 12.54
C ALA B 326 12.82 -16.37 13.56
N ILE B 327 13.10 -15.16 13.07
CA ILE B 327 13.36 -14.04 13.97
C ILE B 327 12.16 -13.10 14.07
N ALA B 328 11.13 -13.27 13.24
CA ALA B 328 9.83 -12.61 13.37
C ALA B 328 9.92 -11.09 13.26
N VAL B 329 10.49 -10.61 12.15
CA VAL B 329 10.58 -9.17 11.95
C VAL B 329 9.17 -8.60 11.83
N PRO B 330 8.97 -7.31 12.10
CA PRO B 330 7.61 -6.75 12.12
C PRO B 330 6.93 -6.83 10.76
N ARG B 331 5.61 -6.97 10.79
CA ARG B 331 4.80 -6.99 9.58
C ARG B 331 5.00 -5.71 8.78
N ASN B 332 5.19 -5.85 7.47
CA ASN B 332 5.21 -4.70 6.57
C ASN B 332 3.79 -4.49 6.06
N ARG B 333 3.10 -3.54 6.67
CA ARG B 333 1.70 -3.36 6.37
C ARG B 333 1.45 -2.60 5.09
N ALA B 334 2.51 -2.15 4.41
CA ALA B 334 2.39 -1.58 3.08
C ALA B 334 2.41 -2.63 1.97
N LEU B 335 2.71 -3.89 2.28
CA LEU B 335 2.71 -4.91 1.24
C LEU B 335 1.29 -5.25 0.81
N PRO B 336 0.99 -5.27 -0.49
CA PRO B 336 -0.38 -5.57 -0.93
C PRO B 336 -1.03 -6.82 -0.33
N ALA B 337 -0.32 -7.94 -0.27
CA ALA B 337 -0.94 -9.15 0.26
C ALA B 337 -1.34 -9.00 1.72
N ASN B 338 -0.68 -8.11 2.46
CA ASN B 338 -1.00 -7.90 3.87
C ASN B 338 -2.21 -7.00 4.08
N ARG B 339 -2.89 -6.59 3.00
CA ARG B 339 -4.18 -5.92 3.17
C ARG B 339 -5.22 -6.84 3.79
N ASP B 340 -5.03 -8.13 3.65
CA ASP B 340 -5.82 -9.14 4.33
C ASP B 340 -5.14 -9.42 5.66
N PRO B 341 -5.74 -9.07 6.80
CA PRO B 341 -5.06 -9.25 8.08
C PRO B 341 -4.84 -10.71 8.45
N ARG B 342 -5.51 -11.65 7.79
CA ARG B 342 -5.30 -13.06 8.00
C ARG B 342 -4.22 -13.63 7.08
N HIS B 343 -3.69 -12.83 6.16
CA HIS B 343 -2.61 -13.28 5.30
C HIS B 343 -1.27 -13.06 6.00
N PHE B 344 -0.42 -14.10 5.98
CA PHE B 344 0.95 -14.00 6.47
C PHE B 344 1.86 -14.72 5.47
N ASP B 345 2.98 -14.09 5.15
CA ASP B 345 4.06 -14.78 4.44
C ASP B 345 4.77 -15.64 5.47
N ASN B 346 4.56 -16.95 5.38
CA ASN B 346 5.05 -17.91 6.36
C ASN B 346 6.38 -18.55 5.96
N GLY B 347 6.94 -18.17 4.83
CA GLY B 347 8.29 -18.62 4.51
C GLY B 347 8.39 -20.11 4.23
N LEU B 348 9.37 -20.75 4.89
CA LEU B 348 9.84 -22.07 4.48
C LEU B 348 8.74 -23.13 4.50
N CYS B 349 7.74 -23.00 5.37
CA CYS B 349 6.80 -24.11 5.50
C CYS B 349 6.02 -24.34 4.21
N ASP B 350 5.85 -23.31 3.37
CA ASP B 350 5.16 -23.55 2.11
C ASP B 350 5.98 -24.45 1.20
N THR B 351 7.30 -24.25 1.19
CA THR B 351 8.19 -25.14 0.44
C THR B 351 8.21 -26.53 1.05
N ALA B 352 8.33 -26.60 2.38
CA ALA B 352 8.30 -27.87 3.09
C ALA B 352 7.08 -28.69 2.70
N ALA B 353 5.91 -28.03 2.66
CA ALA B 353 4.69 -28.74 2.31
C ALA B 353 4.76 -29.30 0.90
N LYS B 354 5.22 -28.50 -0.06
CA LYS B 354 5.31 -28.96 -1.44
C LYS B 354 6.27 -30.15 -1.57
N LEU B 355 7.35 -30.17 -0.78
CA LEU B 355 8.33 -31.23 -0.82
C LEU B 355 7.95 -32.42 0.06
N ARG B 356 6.80 -32.34 0.74
CA ARG B 356 6.30 -33.40 1.60
C ARG B 356 7.25 -33.68 2.77
N TRP B 357 7.97 -32.66 3.20
CA TRP B 357 8.71 -32.75 4.45
C TRP B 357 7.73 -32.99 5.60
N PRO B 358 7.98 -33.93 6.50
CA PRO B 358 7.06 -34.15 7.62
C PRO B 358 6.92 -32.92 8.50
N GLU B 359 5.72 -32.74 9.05
CA GLU B 359 5.40 -31.63 9.94
C GLU B 359 5.84 -30.29 9.32
N PRO B 360 5.36 -29.97 8.12
CA PRO B 360 5.89 -28.79 7.43
C PRO B 360 5.68 -27.49 8.19
N THR B 361 4.62 -27.37 9.00
CA THR B 361 4.37 -26.10 9.66
C THR B 361 5.34 -25.81 10.80
N GLN B 362 6.19 -26.77 11.18
CA GLN B 362 7.25 -26.45 12.12
C GLN B 362 8.20 -25.42 11.52
N TRP B 363 8.18 -25.26 10.20
CA TRP B 363 9.05 -24.32 9.50
C TRP B 363 8.35 -23.03 9.13
N CYS B 364 7.10 -22.85 9.56
CA CYS B 364 6.48 -21.56 9.29
C CYS B 364 7.23 -20.49 10.09
N ALA B 365 7.46 -19.36 9.44
CA ALA B 365 8.19 -18.19 9.90
C ALA B 365 9.69 -18.39 9.73
N TYR B 366 10.16 -19.53 9.23
CA TYR B 366 11.58 -19.71 8.93
C TYR B 366 11.92 -19.11 7.56
N LEU B 367 13.04 -18.39 7.51
CA LEU B 367 13.55 -17.77 6.30
C LEU B 367 15.04 -18.03 6.22
N ARG B 368 15.58 -18.04 5.00
CA ARG B 368 16.99 -18.34 4.82
C ARG B 368 17.81 -17.15 5.33
N THR B 369 18.80 -17.44 6.18
CA THR B 369 19.64 -16.40 6.73
C THR B 369 20.40 -15.73 5.60
N PRO B 370 20.21 -14.44 5.36
CA PRO B 370 20.89 -13.80 4.21
C PRO B 370 22.36 -13.53 4.51
N GLY B 371 23.19 -13.69 3.48
CA GLY B 371 24.53 -13.14 3.56
C GLY B 371 24.48 -11.63 3.65
N LEU B 372 25.48 -11.05 4.33
CA LEU B 372 25.50 -9.62 4.62
C LEU B 372 26.48 -8.83 3.76
N ARG B 373 27.13 -9.45 2.78
CA ARG B 373 27.99 -8.67 1.92
C ARG B 373 27.16 -7.64 1.16
N ASN B 374 27.68 -6.40 1.11
CA ASN B 374 27.01 -5.25 0.50
C ASN B 374 25.71 -4.85 1.20
N VAL B 375 25.48 -5.31 2.42
CA VAL B 375 24.22 -4.98 3.10
C VAL B 375 24.06 -3.47 3.26
N ALA B 376 25.17 -2.73 3.39
CA ALA B 376 25.07 -1.31 3.71
C ALA B 376 24.64 -0.43 2.55
N ILE B 377 24.48 -0.97 1.33
CA ILE B 377 23.97 -0.19 0.21
C ILE B 377 22.53 -0.51 -0.13
N LYS B 378 21.89 -1.45 0.57
CA LYS B 378 20.51 -1.78 0.27
C LYS B 378 19.58 -0.66 0.74
N GLU B 379 18.47 -0.49 0.03
CA GLU B 379 17.48 0.53 0.37
C GLU B 379 16.46 0.04 1.38
N SER B 380 16.30 -1.26 1.53
CA SER B 380 15.45 -1.81 2.58
C SER B 380 15.98 -3.19 2.94
N PHE B 381 15.48 -3.73 4.05
CA PHE B 381 16.07 -4.89 4.70
C PHE B 381 14.99 -5.86 5.15
N MET B 382 15.43 -7.12 5.33
CA MET B 382 14.61 -8.26 5.68
C MET B 382 13.75 -8.72 4.50
N HIS B 383 13.20 -9.92 4.63
CA HIS B 383 12.47 -10.54 3.52
C HIS B 383 11.28 -9.73 3.07
N ASN B 384 10.75 -8.87 3.95
CA ASN B 384 9.57 -8.07 3.64
C ASN B 384 9.88 -6.58 3.49
N GLY B 385 11.16 -6.20 3.49
CA GLY B 385 11.56 -4.82 3.33
C GLY B 385 11.08 -3.87 4.42
N VAL B 386 10.86 -4.39 5.63
CA VAL B 386 10.14 -3.61 6.64
C VAL B 386 11.02 -2.48 7.18
N PHE B 387 12.33 -2.65 7.19
CA PHE B 387 13.27 -1.64 7.65
C PHE B 387 13.92 -0.96 6.45
N ASP B 388 14.11 0.36 6.54
CA ASP B 388 14.80 1.09 5.49
C ASP B 388 16.15 1.65 5.92
N THR B 389 16.61 1.33 7.13
CA THR B 389 17.99 1.64 7.51
C THR B 389 18.67 0.38 8.05
N LEU B 390 19.96 0.26 7.74
CA LEU B 390 20.74 -0.84 8.27
C LEU B 390 20.76 -0.82 9.79
N ARG B 391 20.87 0.38 10.39
CA ARG B 391 20.95 0.43 11.83
C ARG B 391 19.68 -0.12 12.48
N ASP B 392 18.52 0.12 11.87
CA ASP B 392 17.27 -0.42 12.42
C ASP B 392 17.28 -1.94 12.38
N ALA B 393 17.80 -2.52 11.30
CA ALA B 393 17.90 -3.98 11.23
C ALA B 393 18.76 -4.52 12.37
N VAL B 394 19.92 -3.88 12.59
CA VAL B 394 20.80 -4.32 13.67
C VAL B 394 20.15 -4.07 15.03
N ALA B 395 19.55 -2.89 15.22
CA ALA B 395 18.88 -2.58 16.49
C ALA B 395 17.78 -3.58 16.79
N PHE B 396 17.04 -4.00 15.75
CA PHE B 396 15.98 -4.97 15.96
C PHE B 396 16.52 -6.28 16.51
N MET B 397 17.63 -6.78 15.96
CA MET B 397 18.22 -8.00 16.49
C MET B 397 18.48 -7.85 17.99
N ASN B 398 18.90 -6.65 18.40
CA ASN B 398 19.28 -6.40 19.77
C ASN B 398 18.08 -6.31 20.71
N THR B 399 17.01 -5.65 20.28
CA THR B 399 15.93 -5.28 21.20
C THR B 399 14.56 -5.80 20.82
N ARG B 400 14.45 -6.72 19.86
CA ARG B 400 13.16 -7.35 19.61
C ARG B 400 12.58 -7.95 20.88
N SER B 401 13.42 -8.66 21.64
CA SER B 401 12.93 -9.41 22.79
C SER B 401 12.82 -8.54 24.04
N THR B 402 13.61 -7.48 24.13
CA THR B 402 13.59 -6.63 25.32
C THR B 402 12.66 -5.44 25.19
N ASP B 403 12.30 -5.02 23.97
CA ASP B 403 11.40 -3.88 23.76
C ASP B 403 10.47 -4.17 22.59
N PRO B 404 9.65 -5.21 22.70
CA PRO B 404 8.74 -5.53 21.59
C PRO B 404 7.89 -4.35 21.17
N ALA B 405 7.52 -3.49 22.13
CA ALA B 405 6.62 -2.40 21.82
C ALA B 405 7.24 -1.43 20.83
N ARG B 406 8.57 -1.26 20.86
CA ARG B 406 9.20 -0.38 19.89
C ARG B 406 8.96 -0.86 18.47
N TRP B 407 8.89 -2.17 18.28
CA TRP B 407 8.93 -2.78 16.96
C TRP B 407 7.59 -3.29 16.46
N TYR B 408 6.66 -3.62 17.36
CA TYR B 408 5.34 -4.15 17.00
C TYR B 408 4.23 -3.20 17.43
N HIS B 409 4.46 -1.89 17.29
CA HIS B 409 3.42 -0.88 17.44
C HIS B 409 2.71 -1.00 18.79
N GLY B 410 3.50 -1.00 19.86
CA GLY B 410 2.96 -1.09 21.20
C GLY B 410 2.57 -2.48 21.65
N ARG B 411 2.49 -3.44 20.74
CA ARG B 411 2.18 -4.82 21.14
C ARG B 411 3.39 -5.44 21.82
N ASP B 412 3.12 -6.43 22.67
CA ASP B 412 4.16 -7.09 23.44
C ASP B 412 4.60 -8.42 22.83
N THR B 413 4.23 -8.69 21.59
CA THR B 413 4.69 -9.90 20.90
C THR B 413 4.58 -9.69 19.39
N PHE B 414 5.06 -10.68 18.63
CA PHE B 414 5.21 -10.56 17.19
C PHE B 414 3.87 -10.32 16.52
N ASP B 415 3.91 -9.63 15.37
CA ASP B 415 2.69 -9.32 14.63
C ASP B 415 2.67 -9.84 13.19
N ASP B 416 3.67 -10.60 12.76
CA ASP B 416 3.67 -11.16 11.41
C ASP B 416 3.77 -12.69 11.41
N VAL B 417 3.40 -13.32 12.52
CA VAL B 417 3.39 -14.79 12.63
C VAL B 417 1.98 -15.21 13.07
N PRO B 418 1.33 -16.13 12.37
CA PRO B 418 0.03 -16.62 12.85
C PRO B 418 0.11 -17.15 14.28
N ARG B 419 -0.98 -16.99 15.04
CA ARG B 419 -0.99 -17.47 16.42
C ARG B 419 -0.57 -18.94 16.49
N ALA B 420 -0.99 -19.74 15.51
CA ALA B 420 -0.69 -21.17 15.54
C ALA B 420 0.81 -21.45 15.49
N TYR B 421 1.61 -20.53 14.95
CA TYR B 421 3.03 -20.80 14.69
C TYR B 421 3.98 -20.00 15.59
N ARG B 422 3.45 -19.30 16.60
CA ARG B 422 4.29 -18.42 17.40
C ARG B 422 5.39 -19.19 18.13
N GLY B 423 5.17 -20.48 18.40
CA GLY B 423 6.19 -21.29 19.06
C GLY B 423 7.40 -21.57 18.20
N ASN B 424 7.31 -21.28 16.90
CA ASN B 424 8.44 -21.50 16.01
C ASN B 424 9.51 -20.41 16.13
N VAL B 425 9.16 -19.24 16.67
CA VAL B 425 10.08 -18.11 16.64
C VAL B 425 11.23 -18.35 17.60
N ASN B 426 12.44 -18.04 17.13
CA ASN B 426 13.64 -18.21 17.94
C ASN B 426 13.63 -17.26 19.13
N VAL B 427 13.58 -17.83 20.34
CA VAL B 427 13.71 -17.08 21.58
C VAL B 427 14.88 -17.56 22.42
N ASN B 428 15.77 -18.37 21.85
CA ASN B 428 16.87 -18.96 22.60
C ASN B 428 18.25 -18.48 22.17
N SER B 429 18.41 -18.02 20.93
CA SER B 429 19.71 -17.53 20.47
C SER B 429 19.95 -16.11 20.96
N THR B 430 21.12 -15.89 21.58
CA THR B 430 21.53 -14.52 21.84
C THR B 430 21.55 -13.75 20.51
N PRO B 431 21.11 -12.48 20.48
CA PRO B 431 20.59 -11.64 21.57
C PRO B 431 19.07 -11.61 21.68
N MET B 432 18.39 -12.58 21.07
CA MET B 432 16.94 -12.66 21.05
C MET B 432 16.36 -13.42 22.23
N ASN B 433 17.15 -13.63 23.29
CA ASN B 433 16.78 -14.54 24.37
C ASN B 433 16.60 -13.81 25.70
N ARG B 434 16.28 -12.53 25.66
CA ARG B 434 16.08 -11.72 26.85
C ARG B 434 14.63 -11.30 27.00
N ARG B 435 14.23 -10.99 28.27
CA ARG B 435 12.83 -10.73 28.59
C ARG B 435 12.49 -9.24 28.44
N PRO B 436 11.22 -8.93 28.16
CA PRO B 436 10.86 -7.52 27.95
C PRO B 436 11.14 -6.67 29.19
N GLY B 437 11.52 -5.42 28.94
CA GLY B 437 11.84 -4.49 29.99
C GLY B 437 13.23 -4.62 30.58
N THR B 438 13.93 -5.72 30.30
CA THR B 438 15.28 -5.92 30.81
C THR B 438 16.30 -5.39 29.81
N PRO B 439 17.54 -5.17 30.23
CA PRO B 439 18.53 -4.59 29.31
C PRO B 439 18.89 -5.56 28.20
N PRO B 440 19.05 -5.06 26.99
CA PRO B 440 19.51 -5.91 25.88
C PRO B 440 21.00 -6.20 26.00
N ALA B 441 21.45 -7.16 25.18
CA ALA B 441 22.83 -7.60 25.27
C ALA B 441 23.82 -6.50 24.89
N MET B 442 23.39 -5.51 24.10
CA MET B 442 24.28 -4.50 23.56
C MET B 442 23.71 -3.10 23.77
N THR B 443 24.61 -2.13 23.83
CA THR B 443 24.25 -0.73 23.91
C THR B 443 24.05 -0.16 22.51
N ASP B 444 23.52 1.07 22.48
CA ASP B 444 23.43 1.79 21.21
C ASP B 444 24.80 2.04 20.61
N ALA B 445 25.83 2.21 21.44
CA ALA B 445 27.18 2.38 20.90
C ALA B 445 27.69 1.08 20.29
N ASP B 446 27.41 -0.06 20.94
CA ASP B 446 27.69 -1.35 20.35
C ASP B 446 27.05 -1.48 18.98
N VAL B 447 25.75 -1.14 18.88
CA VAL B 447 25.05 -1.21 17.60
C VAL B 447 25.75 -0.34 16.56
N ASP B 448 26.17 0.86 16.95
CA ASP B 448 26.90 1.72 16.02
C ASP B 448 28.18 1.07 15.53
N ASP B 449 28.89 0.38 16.43
CA ASP B 449 30.11 -0.32 16.05
C ASP B 449 29.82 -1.48 15.09
N LEU B 450 28.73 -2.22 15.32
CA LEU B 450 28.35 -3.28 14.40
C LEU B 450 28.05 -2.72 13.00
N VAL B 451 27.32 -1.60 12.94
CA VAL B 451 27.06 -0.98 11.65
C VAL B 451 28.37 -0.62 10.97
N ALA B 452 29.30 -0.03 11.71
CA ALA B 452 30.61 0.30 11.15
C ALA B 452 31.26 -0.93 10.53
N PHE B 453 31.20 -2.06 11.25
CA PHE B 453 31.80 -3.28 10.71
C PHE B 453 31.07 -3.77 9.46
N LEU B 454 29.74 -3.75 9.48
CA LEU B 454 29.01 -4.21 8.30
C LEU B 454 29.31 -3.34 7.08
N ARG B 455 29.61 -2.05 7.29
CA ARG B 455 29.95 -1.21 6.15
C ARG B 455 31.26 -1.63 5.47
N THR B 456 32.13 -2.37 6.15
CA THR B 456 33.34 -2.84 5.51
C THR B 456 33.07 -3.98 4.52
N LEU B 457 31.85 -4.51 4.49
CA LEU B 457 31.52 -5.63 3.62
C LEU B 457 31.02 -5.18 2.26
N THR B 458 31.12 -3.88 1.95
CA THR B 458 30.69 -3.36 0.67
C THR B 458 31.79 -3.49 -0.37
N ASP B 459 31.45 -4.05 -1.53
CA ASP B 459 32.42 -4.19 -2.61
C ASP B 459 32.85 -2.81 -3.12
N ALA B 460 34.10 -2.72 -3.58
CA ALA B 460 34.72 -1.40 -3.82
C ALA B 460 33.88 -0.53 -4.74
N ARG B 461 33.30 -1.12 -5.79
CA ARG B 461 32.54 -0.37 -6.77
C ARG B 461 31.37 0.41 -6.15
N TYR B 462 30.90 0.02 -4.97
CA TYR B 462 29.63 0.52 -4.46
C TYR B 462 29.73 1.35 -3.19
N VAL B 463 30.94 1.63 -2.69
CA VAL B 463 31.05 2.28 -1.39
C VAL B 463 30.37 3.64 -1.37
N GLY B 464 30.30 4.31 -2.52
CA GLY B 464 29.65 5.62 -2.59
C GLY B 464 28.15 5.61 -2.34
N LEU B 465 27.52 4.44 -2.31
CA LEU B 465 26.09 4.36 -2.04
C LEU B 465 25.77 4.19 -0.55
N MET B 466 26.78 3.96 0.28
CA MET B 466 26.55 3.88 1.71
C MET B 466 26.21 5.28 2.25
N PRO B 467 25.28 5.38 3.19
CA PRO B 467 24.90 6.71 3.68
C PRO B 467 26.05 7.36 4.43
N THR B 468 26.21 8.67 4.24
CA THR B 468 27.26 9.38 4.96
C THR B 468 26.95 9.44 6.44
N ALA B 469 25.68 9.48 6.82
CA ALA B 469 25.26 9.24 8.19
C ALA B 469 25.01 7.75 8.33
N PRO B 470 25.80 7.02 9.12
CA PRO B 470 25.71 5.54 9.07
C PRO B 470 24.40 4.97 9.57
N ASP B 471 23.57 5.74 10.28
CA ASP B 471 22.26 5.28 10.70
C ASP B 471 21.17 5.70 9.73
N GLY B 472 21.53 6.19 8.54
CA GLY B 472 20.58 6.67 7.57
C GLY B 472 20.26 5.66 6.47
N LYS B 473 19.48 6.13 5.50
CA LYS B 473 19.08 5.36 4.32
C LYS B 473 20.16 5.46 3.23
N ALA B 474 20.33 4.37 2.48
CA ALA B 474 21.34 4.34 1.44
C ALA B 474 21.04 5.35 0.32
N ALA B 475 22.08 5.70 -0.43
CA ALA B 475 21.99 6.82 -1.37
C ALA B 475 21.31 6.41 -2.68
N ARG B 476 20.73 7.42 -3.34
CA ARG B 476 20.09 7.26 -4.65
C ARG B 476 20.63 8.34 -5.59
N PRO B 477 21.87 8.19 -6.08
CA PRO B 477 22.46 9.17 -7.00
C PRO B 477 21.66 9.34 -8.29
FE HEC C . -10.72 17.90 -3.77
CHA HEC C . -12.91 17.05 -1.25
CHB HEC C . -12.41 20.87 -4.18
CHC HEC C . -8.00 19.23 -5.44
CHD HEC C . -8.95 15.01 -3.26
NA HEC C . -12.42 18.72 -2.98
C1A HEC C . -13.15 18.21 -1.93
C2A HEC C . -14.25 19.13 -1.66
C3A HEC C . -14.13 20.15 -2.50
C4A HEC C . -12.94 19.96 -3.30
CMA HEC C . -15.08 21.37 -2.63
CAA HEC C . -15.32 18.91 -0.55
CBA HEC C . -16.43 18.03 -1.10
CGA HEC C . -17.42 17.64 -0.04
O1A HEC C . -18.56 17.30 -0.42
O2A HEC C . -17.11 17.72 1.20
NB HEC C . -10.29 19.69 -4.68
C1B HEC C . -11.15 20.78 -4.75
C2B HEC C . -10.43 21.86 -5.37
C3B HEC C . -9.25 21.37 -5.79
C4B HEC C . -9.09 20.06 -5.24
CMB HEC C . -11.09 23.20 -5.75
CAB HEC C . -8.10 22.15 -6.49
CBB HEC C . -7.69 23.40 -5.70
NC HEC C . -8.84 17.26 -4.26
C1C HEC C . -7.96 17.92 -5.09
C2C HEC C . -6.89 17.02 -5.40
C3C HEC C . -7.13 15.84 -4.81
C4C HEC C . -8.35 15.99 -4.04
CMC HEC C . -5.77 17.35 -6.41
CAC HEC C . -6.50 14.48 -5.16
CBC HEC C . -5.01 14.46 -4.76
ND HEC C . -10.90 16.30 -2.47
C1D HEC C . -10.02 15.23 -2.42
C2D HEC C . -10.47 14.30 -1.42
C3D HEC C . -11.71 14.93 -0.78
C4D HEC C . -11.88 16.19 -1.47
CMD HEC C . -9.75 13.05 -0.91
CAD HEC C . -12.43 14.47 0.50
CBD HEC C . -11.50 14.76 1.67
CGD HEC C . -12.22 14.61 2.97
O1D HEC C . -13.46 14.41 2.94
O2D HEC C . -11.58 14.78 4.03
HHA HEC C . -13.54 16.82 -0.52
HHB HEC C . -12.96 21.65 -4.43
HHC HEC C . -7.20 19.62 -5.86
HHD HEC C . -8.58 14.11 -3.30
HMA1 HEC C . -15.88 21.21 -2.08
HMA2 HEC C . -15.33 21.49 -3.57
HMA3 HEC C . -14.61 22.17 -2.31
HAA1 HEC C . -14.91 18.49 0.22
HAA2 HEC C . -15.69 19.78 -0.30
HBA1 HEC C . -16.04 17.22 -1.48
HBA2 HEC C . -16.90 18.52 -1.80
HMB1 HEC C . -10.71 23.52 -6.57
HMB2 HEC C . -10.95 23.85 -5.05
HMB3 HEC C . -12.04 23.06 -5.87
HAB HEC C . -7.34 21.56 -6.51
HBB1 HEC C . -8.41 24.06 -5.76
HBB2 HEC C . -6.88 23.77 -6.10
HBB3 HEC C . -7.52 23.17 -4.78
HMC1 HEC C . -5.84 16.75 -7.17
HMC2 HEC C . -4.91 17.24 -6.00
HMC3 HEC C . -5.86 18.26 -6.72
HAC HEC C . -6.96 13.79 -4.65
HBC1 HEC C . -4.93 14.73 -3.84
HBC2 HEC C . -4.67 13.56 -4.88
HBC3 HEC C . -4.53 15.07 -5.34
HMD1 HEC C . -9.09 12.77 -1.57
HMD2 HEC C . -9.31 13.25 -0.06
HMD3 HEC C . -10.40 12.33 -0.78
HAD1 HEC C . -13.26 14.95 0.60
HAD2 HEC C . -12.61 13.51 0.45
HBD1 HEC C . -11.16 15.67 1.59
HBD2 HEC C . -10.76 14.13 1.64
FE HEC D . -25.70 5.21 3.22
CHA HEC D . -22.43 5.92 2.52
CHB HEC D . -25.98 3.58 0.21
CHC HEC D . -28.64 3.75 4.26
CHD HEC D . -25.46 6.81 6.25
NA HEC D . -24.44 4.83 1.67
C1A HEC D . -23.18 5.35 1.53
C2A HEC D . -22.66 4.91 0.25
C3A HEC D . -23.64 4.28 -0.39
C4A HEC D . -24.79 4.23 0.48
CMA HEC D . -23.64 3.71 -1.82
CAA HEC D . -21.30 5.33 -0.34
CBA HEC D . -21.46 6.53 -1.28
CGA HEC D . -20.13 7.08 -1.75
O1A HEC D . -20.13 8.20 -2.32
O2A HEC D . -19.05 6.56 -1.37
NB HEC D . -27.04 3.89 2.41
C1B HEC D . -27.02 3.44 1.10
C2B HEC D . -28.21 2.65 0.87
C3B HEC D . -28.93 2.65 2.01
C4B HEC D . -28.24 3.51 2.96
CMB HEC D . -28.63 2.08 -0.48
CAB HEC D . -30.29 1.95 2.24
CBB HEC D . -30.12 0.43 2.08
NC HEC D . -26.84 5.27 4.92
C1C HEC D . -28.01 4.60 5.15
C2C HEC D . -28.59 5.14 6.36
C3C HEC D . -27.73 5.99 6.90
C4C HEC D . -26.62 6.13 5.97
CMC HEC D . -29.93 4.66 6.95
CAC HEC D . -27.95 6.95 8.10
CBC HEC D . -28.04 6.13 9.41
ND HEC D . -24.19 6.20 4.23
C1D HEC D . -24.30 6.72 5.52
C2D HEC D . -23.05 7.37 5.87
C3D HEC D . -22.10 7.05 4.72
C4D HEC D . -22.89 6.32 3.76
CMD HEC D . -22.68 8.05 7.20
CAD HEC D . -20.60 7.36 4.65
CBD HEC D . -19.83 6.23 5.31
CGD HEC D . -18.37 6.28 4.95
O1D HEC D . -17.57 5.53 5.58
O2D HEC D . -18.00 7.11 4.08
HHA HEC D . -21.48 6.07 2.34
HHB HEC D . -26.10 3.21 -0.68
HHC HEC D . -29.44 3.28 4.58
HHD HEC D . -25.45 7.40 7.02
HMA1 HEC D . -23.83 2.75 -1.79
HMA2 HEC D . -22.76 3.85 -2.22
HMA3 HEC D . -24.32 4.16 -2.36
HAA1 HEC D . -20.91 4.59 -0.84
HAA2 HEC D . -20.70 5.58 0.38
HBA1 HEC D . -21.93 7.24 -0.82
HBA2 HEC D . -21.96 6.25 -2.05
HMB1 HEC D . -28.60 1.11 -0.46
HMB2 HEC D . -28.03 2.40 -1.17
HMB3 HEC D . -29.54 2.37 -0.69
HAB HEC D . -30.59 2.15 3.13
HBB1 HEC D . -29.97 0.23 1.15
HBB2 HEC D . -30.93 -0.01 2.39
HBB3 HEC D . -29.36 0.15 2.61
HMC1 HEC D . -30.57 5.39 6.94
HMC2 HEC D . -29.79 4.37 7.87
HMC3 HEC D . -30.27 3.93 6.43
HAC HEC D . -27.21 7.55 8.16
HBC1 HEC D . -27.26 6.34 9.95
HBC2 HEC D . -28.06 5.20 9.19
HBC3 HEC D . -28.85 6.38 9.89
HMD1 HEC D . -23.44 8.02 7.81
HMD2 HEC D . -21.91 7.59 7.60
HMD3 HEC D . -22.43 8.99 7.03
HAD1 HEC D . -20.33 7.44 3.72
HAD2 HEC D . -20.42 8.20 5.11
HBD1 HEC D . -20.20 5.38 5.02
HBD2 HEC D . -19.92 6.30 6.27
C1 GOL E . -30.67 20.24 8.92
O1 GOL E . -30.60 21.63 8.76
C2 GOL E . -30.82 19.60 7.52
O2 GOL E . -32.10 19.81 6.99
C3 GOL E . -29.70 20.21 6.66
O3 GOL E . -29.86 19.70 5.36
H11 GOL E . -29.89 19.87 9.36
H12 GOL E . -31.42 19.97 9.48
HO1 GOL E . -30.69 21.97 9.53
H2 GOL E . -30.72 18.62 7.57
HO2 GOL E . -32.07 20.52 6.52
H31 GOL E . -29.78 21.18 6.69
H32 GOL E . -28.85 20.00 7.06
HO3 GOL E . -29.52 18.92 5.37
C1 GOL F . -28.30 10.82 11.30
O1 GOL F . -28.54 9.44 11.23
C2 GOL F . -28.60 11.42 9.88
O2 GOL F . -28.90 12.80 9.97
C3 GOL F . -27.32 11.10 9.06
O3 GOL F . -27.61 11.34 7.71
H11 GOL F . -28.86 11.25 11.95
H12 GOL F . -27.39 11.03 11.54
HO1 GOL F . -28.42 9.14 12.01
H2 GOL F . -29.39 11.02 9.47
HO2 GOL F . -29.57 12.95 9.46
H31 GOL F . -26.60 11.65 9.39
H32 GOL F . -27.06 10.19 9.24
HO3 GOL F . -27.43 12.16 7.56
C1 GOL G . -8.15 7.15 22.11
O1 GOL G . -7.13 7.40 23.01
C2 GOL G . -7.95 5.70 21.65
O2 GOL G . -8.53 4.79 22.54
C3 GOL G . -8.55 5.61 20.24
O3 GOL G . -7.57 5.04 19.43
H11 GOL G . -8.14 7.74 21.35
H12 GOL G . -9.03 7.24 22.51
HO1 GOL G . -6.60 7.94 22.62
H2 GOL G . -7.00 5.49 21.63
HO2 GOL G . -9.38 4.93 22.53
H31 GOL G . -9.37 5.09 20.28
H32 GOL G . -8.82 6.50 19.96
HO3 GOL G . -7.04 5.66 19.20
C1 GOL H . -12.01 8.71 -17.88
O1 GOL H . -12.18 7.44 -17.36
C2 GOL H . -13.32 9.46 -17.66
O2 GOL H . -13.18 10.83 -17.91
C3 GOL H . -14.32 8.78 -18.63
O3 GOL H . -13.83 8.96 -19.93
H11 GOL H . -11.28 9.19 -17.44
H12 GOL H . -11.78 8.71 -18.82
HO1 GOL H . -11.80 6.90 -17.89
H2 GOL H . -13.64 9.39 -16.75
HO2 GOL H . -12.48 11.09 -17.49
H31 GOL H . -14.40 7.85 -18.38
H32 GOL H . -15.19 9.16 -18.49
HO3 GOL H . -13.97 9.78 -20.14
CL CL I . 1.99 2.85 -5.80
CL CL J . -41.65 20.79 -5.26
MG MG K . -25.53 6.21 19.63
FE HEC L . 15.02 -11.66 -8.85
CHA HEC L . 15.42 -13.24 -5.85
CHB HEC L . 17.39 -13.74 -10.23
CHC HEC L . 13.97 -10.80 -12.01
CHD HEC L . 12.62 -9.60 -7.54
NA HEC L . 16.16 -13.22 -8.18
C1A HEC L . 16.18 -13.71 -6.89
C2A HEC L . 17.19 -14.74 -6.79
C3A HEC L . 17.75 -14.85 -8.01
C4A HEC L . 17.17 -13.86 -8.89
CMA HEC L . 18.87 -15.81 -8.43
CAA HEC L . 17.44 -15.66 -5.56
CBA HEC L . 18.38 -14.96 -4.58
CGA HEC L . 18.64 -15.80 -3.36
O1A HEC L . 19.62 -15.46 -2.67
O2A HEC L . 17.71 -16.53 -2.91
NB HEC L . 15.55 -12.20 -10.76
C1B HEC L . 16.57 -13.06 -11.11
C2B HEC L . 16.54 -13.22 -12.55
C3B HEC L . 15.56 -12.45 -13.04
C4B HEC L . 14.92 -11.79 -11.92
CMB HEC L . 17.52 -14.10 -13.34
CAB HEC L . 15.20 -12.19 -14.52
CBB HEC L . 14.72 -13.51 -15.14
NC HEC L . 13.58 -10.42 -9.61
C1C HEC L . 13.43 -10.11 -10.95
C2C HEC L . 12.52 -9.00 -11.06
C3C HEC L . 12.12 -8.66 -9.82
C4C HEC L . 12.76 -9.58 -8.90
CMC HEC L . 12.13 -8.31 -12.38
CAC HEC L . 11.44 -7.33 -9.39
CBC HEC L . 9.99 -7.24 -9.89
ND HEC L . 14.16 -11.47 -7.03
C1D HEC L . 13.17 -10.54 -6.71
C2D HEC L . 12.73 -10.81 -5.37
C3D HEC L . 13.63 -11.89 -4.80
C4D HEC L . 14.41 -12.31 -5.94
CMD HEC L . 11.61 -10.11 -4.61
CAD HEC L . 13.45 -12.63 -3.46
CBD HEC L . 12.15 -13.44 -3.54
CGD HEC L . 12.08 -14.46 -2.43
O1D HEC L . 13.04 -14.55 -1.64
O2D HEC L . 11.05 -15.17 -2.36
HHA HEC L . 15.63 -13.60 -4.97
HHB HEC L . 18.20 -14.16 -10.60
HHC HEC L . 13.67 -10.55 -12.90
HHD HEC L . 12.07 -8.89 -7.13
HMA1 HEC L . 19.56 -15.31 -8.89
HMA2 HEC L . 18.50 -16.49 -9.05
HMA3 HEC L . 19.23 -16.25 -7.64
HAA1 HEC L . 16.59 -15.84 -5.12
HAA2 HEC L . 17.84 -16.50 -5.85
HBA1 HEC L . 17.97 -14.13 -4.31
HBA2 HEC L . 19.22 -14.79 -5.04
HMB1 HEC L . 17.05 -14.88 -13.69
HMB2 HEC L . 17.90 -13.60 -14.08
HMB3 HEC L . 18.24 -14.39 -12.76
HAB HEC L . 14.50 -11.54 -14.56
HBB1 HEC L . 15.48 -14.11 -15.22
HBB2 HEC L . 14.35 -13.33 -16.02
HBB3 HEC L . 14.05 -13.90 -14.58
HMC1 HEC L . 12.51 -8.80 -13.13
HMC2 HEC L . 12.46 -7.41 -12.39
HMC3 HEC L . 11.16 -8.30 -12.46
HAC HEC L . 11.42 -7.32 -8.43
HBC1 HEC L . 9.50 -8.04 -9.63
HBC2 HEC L . 9.56 -6.47 -9.49
HBC3 HEC L . 9.99 -7.16 -10.86
HMD1 HEC L . 11.90 -9.91 -3.71
HMD2 HEC L . 11.37 -9.28 -5.07
HMD3 HEC L . 10.82 -10.70 -4.60
HAD1 HEC L . 14.19 -13.22 -3.31
HAD2 HEC L . 13.38 -11.99 -2.74
HBD1 HEC L . 12.11 -13.90 -4.39
HBD2 HEC L . 11.40 -12.83 -3.47
FE HEC M . 20.72 -11.66 11.20
CHA HEC M . 18.62 -10.88 8.60
CHB HEC M . 22.17 -8.53 10.97
CHC HEC M . 22.21 -12.09 14.26
CHD HEC M . 19.34 -14.78 11.43
NA HEC M . 20.44 -10.02 10.03
C1A HEC M . 19.49 -9.89 9.03
C2A HEC M . 19.71 -8.63 8.35
C3A HEC M . 20.70 -8.00 8.98
C4A HEC M . 21.13 -8.82 10.09
CMA HEC M . 21.24 -6.60 8.63
CAA HEC M . 18.99 -8.19 7.04
CBA HEC M . 19.88 -8.49 5.85
CGA HEC M . 19.15 -8.35 4.53
O1A HEC M . 18.01 -7.82 4.54
O2A HEC M . 19.74 -8.65 3.46
NB HEC M . 21.96 -10.53 12.38
C1B HEC M . 22.48 -9.30 12.07
C2B HEC M . 23.40 -8.92 13.12
C3B HEC M . 23.36 -9.86 14.06
C4B HEC M . 22.51 -10.93 13.58
CMB HEC M . 24.38 -7.74 13.04
CAB HEC M . 24.21 -9.89 15.34
CBB HEC M . 23.77 -8.75 16.28
NC HEC M . 20.71 -13.13 12.62
C1C HEC M . 21.45 -13.14 13.78
C2C HEC M . 21.37 -14.46 14.38
C3C HEC M . 20.66 -15.24 13.53
C4C HEC M . 20.19 -14.41 12.45
CMC HEC M . 22.08 -14.88 15.67
CAC HEC M . 20.37 -16.76 13.64
CBC HEC M . 19.59 -17.11 14.91
ND HEC M . 19.20 -12.67 10.20
C1D HEC M . 18.76 -13.95 10.51
C2D HEC M . 17.68 -14.29 9.60
C3D HEC M . 17.43 -13.05 8.78
C4D HEC M . 18.40 -12.09 9.22
CMD HEC M . 16.98 -15.65 9.44
CAD HEC M . 16.32 -12.85 7.72
CBD HEC M . 15.02 -12.44 8.43
CGD HEC M . 13.98 -12.02 7.43
O1D HEC M . 12.85 -11.64 7.87
O2D HEC M . 14.35 -11.78 6.26
HHA HEC M . 18.12 -10.71 7.78
HHB HEC M . 22.70 -7.74 10.80
HHC HEC M . 22.56 -12.17 15.17
HHD HEC M . 19.12 -15.74 11.37
HMA1 HEC M . 21.13 -6.00 9.40
HMA2 HEC M . 20.74 -6.23 7.86
HMA3 HEC M . 22.19 -6.66 8.40
HAA1 HEC M . 18.81 -7.25 7.08
HAA2 HEC M . 18.16 -8.69 6.96
HBA1 HEC M . 20.22 -9.40 5.91
HBA2 HEC M . 20.63 -7.87 5.85
HMB1 HEC M . 24.21 -7.12 13.77
HMB2 HEC M . 24.27 -7.27 12.19
HMB3 HEC M . 25.30 -8.06 13.10
HAB HEC M . 24.07 -10.73 15.78
HBB1 HEC M . 23.50 -9.12 17.12
HBB2 HEC M . 23.04 -8.27 15.87
HBB3 HEC M . 24.53 -8.15 16.41
HMC1 HEC M . 22.68 -14.18 15.96
HMC2 HEC M . 22.59 -15.70 15.52
HMC3 HEC M . 21.42 -15.05 16.37
HAC HEC M . 19.83 -17.00 12.88
HBC1 HEC M . 18.65 -17.20 14.69
HBC2 HEC M . 19.70 -16.39 15.56
HBC3 HEC M . 19.92 -17.95 15.27
HMD1 HEC M . 16.04 -15.56 9.71
HMD2 HEC M . 17.03 -15.92 8.50
HMD3 HEC M . 17.43 -16.31 9.99
HAD1 HEC M . 16.59 -12.14 7.11
HAD2 HEC M . 16.19 -13.67 7.23
HBD1 HEC M . 15.20 -11.71 9.03
HBD2 HEC M . 14.69 -13.21 8.93
C1 GOL N . 41.16 -11.77 16.60
O1 GOL N . 40.53 -12.47 17.63
C2 GOL N . 40.62 -10.32 16.65
O2 GOL N . 41.58 -9.43 16.18
C3 GOL N . 39.32 -10.32 15.77
O3 GOL N . 38.23 -9.87 16.59
H11 GOL N . 40.99 -12.15 15.73
H12 GOL N . 42.13 -11.75 16.68
HO1 GOL N . 41.11 -13.00 17.95
H2 GOL N . 40.40 -10.06 17.55
HO2 GOL N . 41.39 -8.66 16.48
H31 GOL N . 39.47 -9.75 14.99
H32 GOL N . 39.18 -11.21 15.42
HO3 GOL N . 37.97 -9.13 16.26
C1 GOL O . 13.39 -33.34 8.82
O1 GOL O . 13.83 -33.91 10.02
C2 GOL O . 11.95 -32.83 9.08
O2 GOL O . 11.07 -33.89 9.30
C3 GOL O . 11.58 -32.00 7.82
O3 GOL O . 10.37 -31.33 8.09
H11 GOL O . 13.95 -32.60 8.53
H12 GOL O . 13.38 -33.97 8.08
HO1 GOL O . 13.60 -33.38 10.64
H2 GOL O . 11.92 -32.27 9.88
HO2 GOL O . 11.20 -34.17 10.08
H31 GOL O . 12.31 -31.40 7.63
H32 GOL O . 11.52 -32.61 7.07
HO3 GOL O . 9.78 -31.93 8.25
C1 GOL P . 20.07 -21.68 12.67
O1 GOL P . 19.92 -20.68 13.64
C2 GOL P . 21.18 -21.24 11.68
O2 GOL P . 21.69 -22.34 10.97
C3 GOL P . 20.49 -20.17 10.79
O3 GOL P . 21.47 -19.44 10.13
H11 GOL P . 20.32 -22.54 13.06
H12 GOL P . 19.26 -21.84 12.18
H2 GOL P . 21.95 -20.84 12.13
HO2 GOL P . 21.89 -22.08 10.19
H31 GOL P . 19.89 -20.63 10.19
H32 GOL P . 19.92 -19.63 11.35
HO3 GOL P . 21.76 -19.93 9.50
C1 GOL Q . 25.36 -27.17 5.95
O1 GOL Q . 25.82 -28.09 5.03
C2 GOL Q . 26.15 -25.87 5.76
O2 GOL Q . 27.53 -26.07 5.86
C3 GOL Q . 25.75 -25.33 4.36
O3 GOL Q . 26.35 -24.10 4.24
H11 GOL Q . 24.41 -26.97 5.84
H12 GOL Q . 25.47 -27.47 6.87
HO1 GOL Q . 25.59 -27.81 4.25
H2 GOL Q . 25.91 -25.23 6.45
HO2 GOL Q . 27.75 -26.64 5.26
H31 GOL Q . 24.78 -25.31 4.31
H32 GOL Q . 26.03 -25.97 3.69
HO3 GOL Q . 25.84 -23.54 4.62
C1 GOL R . 9.42 -27.29 -5.02
O1 GOL R . 9.30 -25.89 -4.80
C2 GOL R . 10.21 -27.52 -6.35
O2 GOL R . 11.55 -27.17 -6.23
C3 GOL R . 10.03 -29.03 -6.65
O3 GOL R . 10.78 -29.31 -7.81
H11 GOL R . 9.88 -27.74 -4.30
H12 GOL R . 8.55 -27.72 -5.09
HO1 GOL R . 10.08 -25.57 -4.88
H2 GOL R . 9.85 -26.96 -7.05
HO2 GOL R . 11.72 -26.57 -6.81
H31 GOL R . 10.32 -29.55 -5.88
H32 GOL R . 9.09 -29.22 -6.75
HO3 GOL R . 11.56 -29.52 -7.54
C1 GOL S . 7.91 -1.74 12.70
O1 GOL S . 9.11 -1.64 13.42
C2 GOL S . 7.67 -0.39 11.99
O2 GOL S . 6.77 0.41 12.70
C3 GOL S . 7.16 -0.76 10.58
O3 GOL S . 6.10 -1.66 10.73
H11 GOL S . 7.95 -2.45 12.04
H12 GOL S . 7.15 -1.95 13.26
HO1 GOL S . 9.05 -2.17 14.08
H2 GOL S . 8.49 0.12 11.94
HO2 GOL S . 7.05 0.47 13.50
H31 GOL S . 6.90 0.05 10.11
H32 GOL S . 7.90 -1.12 10.06
HO3 GOL S . 5.39 -1.23 10.57
C1 GOL T . 19.29 -12.26 -33.83
O1 GOL T . 18.71 -11.12 -34.44
C2 GOL T . 20.47 -11.76 -32.97
O2 GOL T . 20.05 -10.86 -32.01
C3 GOL T . 21.10 -13.03 -32.35
O3 GOL T . 22.14 -12.62 -31.52
H11 GOL T . 18.67 -12.73 -33.27
H12 GOL T . 19.61 -12.90 -34.48
HO1 GOL T . 18.81 -10.47 -33.89
H2 GOL T . 21.13 -11.30 -33.51
HO2 GOL T . 20.65 -10.25 -31.94
H31 GOL T . 20.41 -13.53 -31.89
H32 GOL T . 21.39 -13.62 -33.08
HO3 GOL T . 22.83 -12.55 -32.00
CL CL U . 41.90 -20.35 4.26
CL CL V . 17.84 8.92 6.02
#